data_6N29
#
_entry.id   6N29
#
_cell.length_a   174.690
_cell.length_b   174.690
_cell.length_c   104.620
_cell.angle_alpha   90.00
_cell.angle_beta   90.00
_cell.angle_gamma   90.00
#
_symmetry.space_group_name_H-M   'P 43 21 2'
#
loop_
_entity.id
_entity.type
_entity.pdbx_description
1 polymer 'von Willebrand factor'
2 non-polymer 2-acetamido-2-deoxy-beta-D-glucopyranose
3 non-polymer 'CALCIUM ION'
4 non-polymer DI(HYDROXYETHYL)ETHER
5 water water
#
_entity_poly.entity_id   1
_entity_poly.type   'polypeptide(L)'
_entity_poly.pdbx_seq_one_letter_code
;SLSCRPPMVKLVCPADNLRAEGLECTKTCQNYDLECMSMGCVSGCLCPPGMVRHENRCVALERCPCFHQGKEYAPGETVK
IGCNTCVCRDRKWNCTDHVCDATCSTIGMAHYLTFDGLKYLFPGECQYVLVQDYCGSNPGTFRILVGNKGCSHPSVKCKK
RVTILVEGGEIELFDGEVNVKRPMKDETHFEVVESGRYIILLLGKALSVVWDRHLSISVVLKQTYQEKVCGLCGNFDGIQ
NNDLTSSNLQVEEDPVDFGNSWKVSSQCADTRKVPLDSSPATCHNNIMKQTMVDSSCRILTSDVFQDCNKLVDPEPYLDV
CIYDTCSCESIGDCAAFCDTIAAYAHVCAQHGKVVTWRTATLCPQSCEERNLRENGYEAEWRYNSCAPACQVTCQHPEPL
ACPVQCVEGCHAHCPPGKILDELLQTCVDPEDCPVCEVAGRRFASGKKVTLNPSDPEHCQICHCDVVNLTCEACQEPGGL
VPR
;
_entity_poly.pdbx_strand_id   A,B
#
loop_
_chem_comp.id
_chem_comp.type
_chem_comp.name
_chem_comp.formula
CA non-polymer 'CALCIUM ION' 'Ca 2'
NAG D-saccharide, beta linking 2-acetamido-2-deoxy-beta-D-glucopyranose 'C8 H15 N O6'
PEG non-polymer DI(HYDROXYETHYL)ETHER 'C4 H10 O3'
#
# COMPACT_ATOMS: atom_id res chain seq x y z
N SER A 1 85.25 13.13 -37.67
CA SER A 1 83.79 13.16 -37.59
C SER A 1 83.20 11.78 -37.78
N LEU A 2 82.95 11.07 -36.68
CA LEU A 2 82.35 9.74 -36.74
C LEU A 2 80.86 9.86 -37.04
N SER A 3 80.37 8.99 -37.92
CA SER A 3 78.97 9.01 -38.29
C SER A 3 78.10 8.65 -37.10
N CYS A 4 76.83 9.05 -37.17
CA CYS A 4 75.88 8.76 -36.12
C CYS A 4 74.91 7.68 -36.57
N ARG A 5 74.39 6.95 -35.59
CA ARG A 5 73.46 5.86 -35.88
C ARG A 5 72.18 6.43 -36.47
N PRO A 6 71.64 5.81 -37.52
CA PRO A 6 70.41 6.32 -38.11
C PRO A 6 69.27 6.23 -37.13
N PRO A 7 68.28 7.12 -37.24
CA PRO A 7 68.23 8.20 -38.25
C PRO A 7 68.82 9.54 -37.77
N MET A 8 69.56 9.51 -36.67
CA MET A 8 70.14 10.74 -36.13
C MET A 8 71.15 11.32 -37.11
N VAL A 9 71.11 12.64 -37.28
CA VAL A 9 72.03 13.35 -38.16
C VAL A 9 72.90 14.26 -37.30
N LYS A 10 74.17 14.41 -37.70
CA LYS A 10 75.12 15.18 -36.91
C LYS A 10 74.88 16.68 -37.11
N LEU A 11 75.24 17.46 -36.09
CA LEU A 11 75.11 18.91 -36.12
C LEU A 11 76.43 19.53 -35.65
N VAL A 12 77.27 19.95 -36.60
CA VAL A 12 78.47 20.70 -36.27
C VAL A 12 78.07 22.13 -35.95
N CYS A 13 78.49 22.61 -34.78
CA CYS A 13 78.11 23.94 -34.33
C CYS A 13 79.07 24.98 -34.88
N PRO A 14 78.63 25.86 -35.76
CA PRO A 14 79.54 26.87 -36.32
C PRO A 14 79.64 28.08 -35.42
N ALA A 15 80.85 28.42 -34.99
CA ALA A 15 81.03 29.59 -34.14
C ALA A 15 80.89 30.88 -34.92
N ASP A 16 81.22 30.86 -36.21
CA ASP A 16 81.15 32.06 -37.04
C ASP A 16 79.77 32.28 -37.65
N ASN A 17 78.80 31.42 -37.33
CA ASN A 17 77.41 31.63 -37.73
C ASN A 17 76.68 32.32 -36.59
N LEU A 18 75.77 33.23 -36.94
CA LEU A 18 75.16 34.10 -35.94
C LEU A 18 74.42 33.29 -34.89
N ARG A 19 73.45 32.49 -35.30
CA ARG A 19 72.68 31.68 -34.38
C ARG A 19 72.58 30.25 -34.89
N ALA A 20 72.53 29.32 -33.94
CA ALA A 20 72.38 27.91 -34.25
C ALA A 20 71.81 27.22 -33.02
N GLU A 21 71.09 26.13 -33.26
CA GLU A 21 70.48 25.34 -32.20
C GLU A 21 70.96 23.91 -32.34
N GLY A 22 71.48 23.36 -31.24
CA GLY A 22 71.99 22.00 -31.24
C GLY A 22 71.25 21.13 -30.24
N LEU A 23 71.99 20.38 -29.43
CA LEU A 23 71.37 19.48 -28.46
C LEU A 23 70.65 20.23 -27.36
N GLU A 24 70.91 21.53 -27.18
CA GLU A 24 70.20 22.29 -26.16
C GLU A 24 68.72 22.37 -26.48
N CYS A 25 68.37 22.43 -27.76
CA CYS A 25 66.98 22.47 -28.21
C CYS A 25 66.44 21.08 -28.57
N THR A 26 66.95 20.03 -27.95
CA THR A 26 66.44 18.69 -28.19
C THR A 26 64.99 18.58 -27.75
N LYS A 27 64.16 17.94 -28.57
CA LYS A 27 62.73 17.81 -28.30
C LYS A 27 62.45 16.37 -27.88
N THR A 28 61.82 16.22 -26.71
CA THR A 28 61.43 14.91 -26.20
C THR A 28 59.90 14.82 -26.13
N CYS A 29 59.42 13.68 -25.62
CA CYS A 29 57.99 13.46 -25.47
C CYS A 29 57.35 14.40 -24.47
N GLN A 30 58.14 15.16 -23.72
CA GLN A 30 57.63 16.10 -22.73
C GLN A 30 57.59 17.52 -23.25
N ASN A 31 58.70 18.02 -23.79
CA ASN A 31 58.82 19.42 -24.17
C ASN A 31 58.60 19.64 -25.67
N TYR A 32 57.75 18.83 -26.30
CA TYR A 32 57.56 18.94 -27.74
C TYR A 32 56.88 20.24 -28.12
N ASP A 33 55.66 20.46 -27.63
CA ASP A 33 54.94 21.68 -27.97
C ASP A 33 55.37 22.86 -27.10
N LEU A 34 56.68 23.09 -27.04
CA LEU A 34 57.26 24.22 -26.32
C LEU A 34 58.33 24.84 -27.20
N GLU A 35 58.81 26.01 -26.78
CA GLU A 35 59.82 26.75 -27.51
C GLU A 35 61.11 26.80 -26.71
N CYS A 36 62.23 26.90 -27.41
CA CYS A 36 63.55 26.88 -26.80
C CYS A 36 64.30 28.17 -27.12
N MET A 37 65.18 28.55 -26.20
CA MET A 37 66.08 29.68 -26.37
C MET A 37 67.47 29.24 -25.95
N SER A 38 68.37 29.13 -26.91
CA SER A 38 69.70 28.60 -26.67
C SER A 38 70.70 29.74 -26.49
N MET A 39 71.48 29.67 -25.42
CA MET A 39 72.60 30.58 -25.26
C MET A 39 73.66 30.33 -26.34
N GLY A 40 73.90 29.06 -26.65
CA GLY A 40 74.78 28.64 -27.72
C GLY A 40 74.53 27.18 -28.03
N CYS A 41 74.49 26.81 -29.31
CA CYS A 41 74.16 25.43 -29.65
C CYS A 41 75.21 24.47 -29.12
N VAL A 42 74.74 23.30 -28.71
CA VAL A 42 75.62 22.22 -28.27
C VAL A 42 75.74 21.21 -29.41
N SER A 43 76.97 21.01 -29.89
CA SER A 43 77.19 20.11 -31.02
C SER A 43 76.84 18.68 -30.64
N GLY A 44 76.25 17.95 -31.59
CA GLY A 44 75.88 16.57 -31.34
C GLY A 44 74.97 16.05 -32.44
N CYS A 45 74.37 14.89 -32.17
CA CYS A 45 73.45 14.24 -33.09
C CYS A 45 72.02 14.34 -32.56
N LEU A 46 71.09 14.64 -33.46
CA LEU A 46 69.69 14.81 -33.09
C LEU A 46 68.81 14.06 -34.08
N CYS A 47 67.60 13.76 -33.64
CA CYS A 47 66.64 13.05 -34.47
C CYS A 47 66.12 13.94 -35.61
N PRO A 48 65.64 13.32 -36.69
CA PRO A 48 65.02 14.08 -37.79
C PRO A 48 63.82 14.87 -37.31
N PRO A 49 63.28 15.78 -38.13
CA PRO A 49 62.15 16.62 -37.66
C PRO A 49 60.95 15.88 -37.10
N GLY A 50 60.41 14.91 -37.82
CA GLY A 50 59.16 14.27 -37.39
C GLY A 50 59.25 13.44 -36.13
N MET A 51 60.45 13.27 -35.58
CA MET A 51 60.66 12.37 -34.46
C MET A 51 61.11 13.17 -33.23
N VAL A 52 61.08 12.48 -32.10
CA VAL A 52 61.58 13.03 -30.85
C VAL A 52 62.48 12.01 -30.20
N ARG A 53 63.36 12.49 -29.33
CA ARG A 53 64.28 11.62 -28.61
C ARG A 53 63.61 11.13 -27.34
N HIS A 54 63.47 9.82 -27.20
CA HIS A 54 62.83 9.21 -26.04
C HIS A 54 63.54 7.91 -25.72
N GLU A 55 64.11 7.83 -24.51
CA GLU A 55 64.88 6.66 -24.08
C GLU A 55 66.07 6.40 -25.02
N ASN A 56 66.82 7.45 -25.30
CA ASN A 56 68.08 7.37 -26.07
C ASN A 56 67.87 6.81 -27.48
N ARG A 57 66.67 6.97 -28.02
CA ARG A 57 66.40 6.54 -29.40
C ARG A 57 65.34 7.46 -29.98
N CYS A 58 65.34 7.56 -31.31
CA CYS A 58 64.36 8.37 -32.01
C CYS A 58 63.06 7.58 -32.19
N VAL A 59 61.95 8.16 -31.77
CA VAL A 59 60.65 7.53 -31.90
C VAL A 59 59.71 8.47 -32.63
N ALA A 60 58.73 7.89 -33.30
CA ALA A 60 57.67 8.70 -33.87
C ALA A 60 57.01 9.50 -32.76
N LEU A 61 56.51 10.69 -33.13
CA LEU A 61 55.84 11.52 -32.13
C LEU A 61 54.58 10.84 -31.58
N GLU A 62 53.84 10.12 -32.44
CA GLU A 62 52.62 9.45 -31.99
C GLU A 62 52.91 8.29 -31.04
N ARG A 63 54.12 7.73 -31.07
CA ARG A 63 54.44 6.65 -30.15
C ARG A 63 54.84 7.16 -28.78
N CYS A 64 54.81 8.47 -28.57
CA CYS A 64 55.12 9.03 -27.26
C CYS A 64 54.06 8.62 -26.23
N PRO A 65 54.45 8.38 -24.99
CA PRO A 65 53.47 8.03 -23.96
C PRO A 65 52.76 9.26 -23.43
N CYS A 66 51.69 9.00 -22.70
CA CYS A 66 50.95 10.04 -22.03
C CYS A 66 51.37 10.12 -20.56
N PHE A 67 51.14 11.28 -19.97
CA PHE A 67 51.50 11.54 -18.58
C PHE A 67 50.26 11.92 -17.80
N HIS A 68 50.06 11.28 -16.66
CA HIS A 68 48.94 11.59 -15.76
C HIS A 68 49.49 11.66 -14.35
N GLN A 69 49.53 12.88 -13.80
CA GLN A 69 49.97 13.10 -12.42
C GLN A 69 51.40 12.57 -12.21
N GLY A 70 52.26 12.83 -13.17
CA GLY A 70 53.66 12.43 -13.10
C GLY A 70 54.01 11.04 -13.63
N LYS A 71 53.13 10.06 -13.44
CA LYS A 71 53.40 8.71 -13.88
C LYS A 71 53.26 8.59 -15.39
N GLU A 72 54.09 7.72 -15.98
CA GLU A 72 54.11 7.49 -17.42
C GLU A 72 53.28 6.26 -17.76
N TYR A 73 52.40 6.39 -18.74
CA TYR A 73 51.57 5.29 -19.20
C TYR A 73 51.83 5.05 -20.68
N ALA A 74 52.05 3.80 -21.05
CA ALA A 74 52.29 3.45 -22.44
C ALA A 74 51.04 3.73 -23.28
N PRO A 75 51.21 3.96 -24.58
CA PRO A 75 50.03 4.14 -25.44
C PRO A 75 49.17 2.89 -25.44
N GLY A 76 47.88 3.08 -25.20
CA GLY A 76 46.95 1.99 -25.00
C GLY A 76 46.65 1.73 -23.54
N GLU A 77 47.59 2.00 -22.64
CA GLU A 77 47.33 1.87 -21.22
C GLU A 77 46.28 2.89 -20.80
N THR A 78 45.15 2.39 -20.32
CA THR A 78 44.06 3.26 -19.91
C THR A 78 44.16 3.58 -18.43
N VAL A 79 43.72 4.78 -18.08
CA VAL A 79 43.52 5.19 -16.69
C VAL A 79 42.04 5.50 -16.52
N LYS A 80 41.52 5.21 -15.34
CA LYS A 80 40.10 5.37 -15.04
C LYS A 80 39.97 6.42 -13.95
N ILE A 81 39.28 7.52 -14.26
CA ILE A 81 38.92 8.53 -13.27
C ILE A 81 37.40 8.60 -13.23
N GLY A 82 36.83 8.46 -12.04
CA GLY A 82 35.39 8.32 -11.91
C GLY A 82 34.91 7.03 -12.54
N CYS A 83 33.82 7.13 -13.28
CA CYS A 83 33.27 6.00 -14.04
C CYS A 83 33.71 6.03 -15.50
N ASN A 84 34.60 6.95 -15.87
CA ASN A 84 35.10 7.10 -17.23
C ASN A 84 36.51 6.55 -17.34
N THR A 85 36.83 6.04 -18.52
CA THR A 85 38.16 5.53 -18.82
C THR A 85 38.82 6.42 -19.86
N CYS A 86 40.09 6.72 -19.65
CA CYS A 86 40.87 7.54 -20.56
C CYS A 86 41.97 6.68 -21.16
N VAL A 87 41.94 6.50 -22.48
CA VAL A 87 42.94 5.70 -23.20
C VAL A 87 44.01 6.64 -23.72
N CYS A 88 45.26 6.20 -23.63
CA CYS A 88 46.39 6.94 -24.19
C CYS A 88 46.60 6.46 -25.63
N ARG A 89 46.33 7.34 -26.58
CA ARG A 89 46.48 7.00 -27.99
C ARG A 89 46.93 8.27 -28.73
N ASP A 90 48.03 8.15 -29.48
CA ASP A 90 48.59 9.27 -30.24
C ASP A 90 49.00 10.43 -29.33
N ARG A 91 49.69 10.09 -28.23
CA ARG A 91 50.21 11.07 -27.27
C ARG A 91 49.09 11.97 -26.74
N LYS A 92 47.88 11.46 -26.63
CA LYS A 92 46.74 12.24 -26.17
C LYS A 92 45.87 11.38 -25.26
N TRP A 93 45.23 12.03 -24.28
CA TRP A 93 44.28 11.34 -23.41
C TRP A 93 42.90 11.40 -24.04
N ASN A 94 42.40 10.25 -24.48
CA ASN A 94 41.06 10.15 -25.05
C ASN A 94 40.15 9.58 -23.98
N CYS A 95 39.27 10.42 -23.43
CA CYS A 95 38.41 10.04 -22.33
C CYS A 95 36.98 9.86 -22.80
N THR A 96 36.30 8.90 -22.18
CA THR A 96 34.86 8.75 -22.37
C THR A 96 34.14 9.88 -21.64
N ASP A 97 32.90 10.14 -22.03
CA ASP A 97 32.12 11.23 -21.47
C ASP A 97 30.82 10.72 -20.86
N HIS A 98 30.89 9.60 -20.14
CA HIS A 98 29.70 9.02 -19.55
C HIS A 98 29.30 9.80 -18.30
N VAL A 99 27.98 9.86 -18.08
CA VAL A 99 27.44 10.40 -16.84
C VAL A 99 27.57 9.35 -15.75
N CYS A 100 28.16 9.73 -14.62
CA CYS A 100 28.36 8.80 -13.53
C CYS A 100 27.23 8.91 -12.52
N ASP A 101 27.22 7.97 -11.57
CA ASP A 101 26.26 8.01 -10.48
C ASP A 101 26.37 9.33 -9.74
N ALA A 102 25.22 9.94 -9.46
CA ALA A 102 25.20 11.29 -8.92
C ALA A 102 24.37 11.36 -7.64
N THR A 103 24.56 12.46 -6.92
CA THR A 103 23.87 12.71 -5.66
C THR A 103 23.25 14.09 -5.70
N CYS A 104 21.95 14.15 -5.47
CA CYS A 104 21.28 15.40 -5.14
C CYS A 104 21.36 15.61 -3.64
N SER A 105 21.42 16.87 -3.21
CA SER A 105 21.61 17.15 -1.80
C SER A 105 20.99 18.47 -1.43
N THR A 106 20.24 18.48 -0.32
CA THR A 106 19.80 19.73 0.31
C THR A 106 20.89 20.17 1.28
N ILE A 107 21.49 21.31 1.00
CA ILE A 107 22.55 21.86 1.83
C ILE A 107 21.97 22.97 2.69
N GLY A 108 21.97 22.78 4.01
CA GLY A 108 21.53 23.87 4.85
C GLY A 108 20.02 24.07 4.80
N MET A 109 19.61 25.30 5.08
CA MET A 109 18.19 25.59 5.28
C MET A 109 17.43 25.67 3.96
N ALA A 110 17.97 26.41 2.98
CA ALA A 110 17.21 26.73 1.79
C ALA A 110 18.03 26.62 0.51
N HIS A 111 19.13 25.88 0.52
CA HIS A 111 19.94 25.71 -0.66
C HIS A 111 19.84 24.27 -1.16
N TYR A 112 20.07 24.10 -2.46
CA TYR A 112 19.98 22.82 -3.13
C TYR A 112 21.21 22.65 -4.00
N LEU A 113 21.71 21.43 -4.09
CA LEU A 113 22.86 21.08 -4.92
C LEU A 113 22.42 19.95 -5.84
N THR A 114 22.25 20.26 -7.12
CA THR A 114 21.63 19.32 -8.05
C THR A 114 22.60 18.20 -8.41
N PHE A 115 22.06 17.19 -9.12
CA PHE A 115 22.87 16.05 -9.54
C PHE A 115 24.05 16.49 -10.40
N ASP A 116 23.86 17.56 -11.18
CA ASP A 116 24.88 18.02 -12.11
C ASP A 116 25.77 19.12 -11.53
N GLY A 117 25.61 19.45 -10.24
CA GLY A 117 26.51 20.38 -9.58
C GLY A 117 26.02 21.81 -9.44
N LEU A 118 24.78 22.12 -9.82
CA LEU A 118 24.26 23.46 -9.69
C LEU A 118 23.78 23.72 -8.27
N LYS A 119 24.27 24.79 -7.66
CA LYS A 119 23.88 25.20 -6.32
C LYS A 119 23.04 26.47 -6.41
N TYR A 120 21.84 26.45 -5.85
CA TYR A 120 20.98 27.61 -5.90
C TYR A 120 20.23 27.76 -4.58
N LEU A 121 19.70 28.95 -4.37
CA LEU A 121 18.93 29.27 -3.18
C LEU A 121 17.44 29.24 -3.54
N PHE A 122 16.64 28.58 -2.70
CA PHE A 122 15.19 28.55 -2.89
C PHE A 122 14.52 28.32 -1.55
N PRO A 123 14.11 29.39 -0.86
CA PRO A 123 13.49 29.29 0.47
C PRO A 123 11.98 29.06 0.42
N GLY A 124 11.56 28.01 -0.28
CA GLY A 124 10.15 27.68 -0.33
C GLY A 124 9.64 27.13 0.99
N GLU A 125 8.40 27.46 1.32
CA GLU A 125 7.81 27.06 2.59
C GLU A 125 6.73 25.98 2.43
N CYS A 126 6.59 25.42 1.23
CA CYS A 126 5.58 24.42 0.96
C CYS A 126 6.24 23.06 0.71
N GLN A 127 5.52 22.16 0.07
CA GLN A 127 6.05 20.87 -0.33
C GLN A 127 6.44 20.94 -1.80
N TYR A 128 7.61 20.41 -2.13
CA TYR A 128 8.16 20.49 -3.47
C TYR A 128 8.67 19.12 -3.90
N VAL A 129 8.76 18.94 -5.21
CA VAL A 129 9.29 17.70 -5.77
C VAL A 129 10.80 17.80 -5.73
N LEU A 130 11.43 17.08 -4.81
CA LEU A 130 12.88 17.06 -4.75
C LEU A 130 13.45 16.40 -6.00
N VAL A 131 13.12 15.12 -6.21
CA VAL A 131 13.49 14.39 -7.41
C VAL A 131 12.38 13.38 -7.70
N GLN A 132 12.07 13.21 -8.99
CA GLN A 132 11.09 12.25 -9.44
C GLN A 132 11.42 11.88 -10.89
N ASP A 133 10.94 10.71 -11.33
CA ASP A 133 11.10 10.33 -12.73
C ASP A 133 9.79 10.36 -13.51
N TYR A 134 8.74 10.98 -12.96
CA TYR A 134 7.52 11.27 -13.71
C TYR A 134 7.72 12.58 -14.45
N CYS A 135 8.41 12.50 -15.60
CA CYS A 135 8.73 13.68 -16.40
C CYS A 135 8.37 13.40 -17.86
N GLY A 136 7.31 14.06 -18.36
CA GLY A 136 6.93 13.87 -19.75
C GLY A 136 6.54 12.45 -20.06
N SER A 137 7.18 11.86 -21.08
CA SER A 137 7.01 10.44 -21.39
C SER A 137 7.72 9.64 -20.30
N ASN A 138 6.99 9.24 -19.28
CA ASN A 138 7.66 8.77 -18.09
C ASN A 138 7.44 7.29 -17.85
N PRO A 139 8.47 6.57 -17.41
CA PRO A 139 8.22 5.25 -16.81
C PRO A 139 7.47 5.39 -15.51
N GLY A 140 7.77 6.43 -14.72
CA GLY A 140 7.03 6.71 -13.52
C GLY A 140 7.23 5.67 -12.43
N THR A 141 8.42 5.59 -11.87
CA THR A 141 8.71 4.59 -10.84
C THR A 141 8.76 5.17 -9.43
N PHE A 142 9.30 6.38 -9.26
CA PHE A 142 9.51 6.92 -7.93
C PHE A 142 9.31 8.43 -7.91
N ARG A 143 9.02 8.94 -6.72
CA ARG A 143 8.77 10.36 -6.51
C ARG A 143 9.17 10.68 -5.08
N ILE A 144 10.05 11.66 -4.90
CA ILE A 144 10.54 12.03 -3.58
C ILE A 144 10.18 13.48 -3.33
N LEU A 145 9.40 13.74 -2.28
CA LEU A 145 8.93 15.07 -1.95
C LEU A 145 9.58 15.58 -0.67
N VAL A 146 9.75 16.90 -0.60
CA VAL A 146 10.34 17.55 0.56
C VAL A 146 9.47 18.73 0.96
N GLY A 147 9.17 18.83 2.25
CA GLY A 147 8.39 19.94 2.77
C GLY A 147 9.17 20.70 3.81
N ASN A 148 9.29 22.01 3.63
CA ASN A 148 10.11 22.83 4.51
C ASN A 148 9.20 23.75 5.32
N LYS A 149 9.34 23.70 6.64
CA LYS A 149 8.59 24.56 7.55
C LYS A 149 9.54 25.19 8.53
N GLY A 150 9.66 26.51 8.49
CA GLY A 150 10.59 27.23 9.33
C GLY A 150 11.95 27.49 8.73
N CYS A 151 12.22 27.06 7.50
CA CYS A 151 13.50 27.36 6.86
C CYS A 151 13.46 28.65 6.04
N SER A 152 12.47 29.52 6.29
CA SER A 152 12.34 30.81 5.63
C SER A 152 13.20 31.88 6.30
N HIS A 153 12.71 33.12 6.32
CA HIS A 153 13.42 34.23 6.96
C HIS A 153 13.94 33.89 8.35
N PRO A 154 13.13 33.34 9.28
CA PRO A 154 13.72 32.83 10.52
C PRO A 154 14.14 31.37 10.38
N SER A 155 15.43 31.11 10.21
CA SER A 155 15.92 29.75 9.98
C SER A 155 16.50 29.13 11.24
N VAL A 156 16.49 29.84 12.36
CA VAL A 156 17.00 29.30 13.62
C VAL A 156 16.32 27.99 13.98
N LYS A 157 15.00 27.92 13.80
CA LYS A 157 14.22 26.72 14.10
C LYS A 157 13.57 26.26 12.81
N CYS A 158 14.10 25.20 12.22
CA CYS A 158 13.52 24.66 10.99
C CYS A 158 13.52 23.14 11.04
N LYS A 159 12.51 22.56 10.40
CA LYS A 159 12.32 21.12 10.32
C LYS A 159 11.85 20.77 8.92
N LYS A 160 12.32 19.64 8.38
CA LYS A 160 11.94 19.22 7.05
C LYS A 160 11.30 17.83 7.09
N ARG A 161 10.36 17.61 6.17
CA ARG A 161 9.65 16.34 6.01
C ARG A 161 9.86 15.81 4.59
N VAL A 162 10.46 14.64 4.47
CA VAL A 162 10.69 14.00 3.18
C VAL A 162 9.71 12.84 3.01
N THR A 163 9.05 12.80 1.85
CA THR A 163 8.11 11.73 1.52
C THR A 163 8.64 10.97 0.32
N ILE A 164 8.88 9.68 0.50
CA ILE A 164 9.44 8.80 -0.53
C ILE A 164 8.34 7.88 -1.03
N LEU A 165 8.04 7.96 -2.33
CA LEU A 165 7.01 7.15 -2.97
C LEU A 165 7.69 6.29 -4.04
N VAL A 166 7.74 4.98 -3.80
CA VAL A 166 8.39 4.07 -4.74
C VAL A 166 7.81 2.67 -4.55
N GLU A 167 7.51 2.02 -5.67
CA GLU A 167 6.99 0.65 -5.66
C GLU A 167 5.77 0.51 -4.76
N GLY A 168 4.82 1.43 -4.93
CA GLY A 168 3.58 1.39 -4.19
C GLY A 168 3.70 1.73 -2.72
N GLY A 169 4.91 1.96 -2.21
CA GLY A 169 5.11 2.26 -0.82
C GLY A 169 5.33 3.74 -0.56
N GLU A 170 5.13 4.13 0.70
CA GLU A 170 5.36 5.50 1.14
C GLU A 170 6.22 5.47 2.39
N ILE A 171 7.44 5.98 2.28
CA ILE A 171 8.35 6.13 3.41
C ILE A 171 8.51 7.62 3.67
N GLU A 172 8.28 8.03 4.91
CA GLU A 172 8.38 9.42 5.31
C GLU A 172 9.54 9.61 6.28
N LEU A 173 10.36 10.63 6.03
CA LEU A 173 11.48 11.03 6.88
C LEU A 173 11.09 12.31 7.59
N PHE A 174 10.96 12.24 8.91
CA PHE A 174 10.53 13.40 9.69
C PHE A 174 10.93 13.21 11.15
N ASP A 175 11.43 14.29 11.75
CA ASP A 175 11.75 14.33 13.19
C ASP A 175 12.76 13.26 13.58
N GLY A 176 13.80 13.10 12.75
CA GLY A 176 14.90 12.22 13.05
C GLY A 176 14.60 10.74 12.97
N GLU A 177 13.40 10.33 12.56
CA GLU A 177 13.03 8.93 12.49
C GLU A 177 12.45 8.63 11.12
N VAL A 178 12.45 7.35 10.76
CA VAL A 178 11.87 6.87 9.52
C VAL A 178 10.52 6.25 9.83
N ASN A 179 9.48 6.66 9.09
CA ASN A 179 8.13 6.12 9.23
C ASN A 179 7.71 5.51 7.90
N VAL A 180 7.64 4.17 7.86
CA VAL A 180 7.18 3.44 6.68
C VAL A 180 5.66 3.42 6.67
N LYS A 181 5.03 4.43 6.07
CA LYS A 181 3.57 4.52 6.14
C LYS A 181 2.91 3.39 5.37
N ARG A 182 3.48 3.00 4.22
CA ARG A 182 2.99 1.89 3.41
C ARG A 182 4.22 1.19 2.87
N PRO A 183 4.34 -0.12 3.06
CA PRO A 183 5.55 -0.81 2.60
C PRO A 183 5.60 -0.89 1.09
N MET A 184 6.82 -0.96 0.56
CA MET A 184 6.95 -1.28 -0.86
C MET A 184 6.36 -2.65 -1.14
N LYS A 185 5.78 -2.81 -2.33
CA LYS A 185 5.18 -4.10 -2.67
C LYS A 185 6.22 -5.22 -2.64
N ASP A 186 7.48 -4.90 -2.96
CA ASP A 186 8.60 -5.84 -2.85
C ASP A 186 9.66 -5.21 -1.94
N GLU A 187 9.82 -5.76 -0.75
CA GLU A 187 10.77 -5.24 0.24
C GLU A 187 12.15 -5.89 0.14
N THR A 188 12.38 -6.80 -0.80
CA THR A 188 13.61 -7.58 -0.81
C THR A 188 14.84 -6.70 -0.80
N HIS A 189 14.82 -5.61 -1.57
CA HIS A 189 15.94 -4.69 -1.69
C HIS A 189 15.69 -3.37 -0.98
N PHE A 190 14.77 -3.37 -0.02
CA PHE A 190 14.48 -2.20 0.81
C PHE A 190 15.14 -2.40 2.16
N GLU A 191 15.92 -1.41 2.58
CA GLU A 191 16.60 -1.46 3.87
C GLU A 191 16.61 -0.06 4.47
N VAL A 192 16.45 0.00 5.78
CA VAL A 192 16.58 1.24 6.54
C VAL A 192 17.78 1.01 7.46
N VAL A 193 18.93 1.55 7.06
CA VAL A 193 20.18 1.33 7.77
C VAL A 193 20.46 2.55 8.62
N GLU A 194 20.48 2.36 9.93
CA GLU A 194 20.90 3.39 10.86
C GLU A 194 22.37 3.16 11.18
N SER A 195 23.23 4.09 10.77
CA SER A 195 24.67 3.97 10.98
C SER A 195 25.24 5.34 11.30
N GLY A 196 25.90 5.45 12.45
CA GLY A 196 26.46 6.74 12.86
C GLY A 196 25.38 7.80 12.94
N ARG A 197 25.73 9.01 12.49
CA ARG A 197 24.79 10.12 12.49
C ARG A 197 23.67 9.94 11.47
N TYR A 198 23.80 9.00 10.55
CA TYR A 198 22.98 8.97 9.35
C TYR A 198 21.98 7.83 9.38
N ILE A 199 20.98 7.96 8.52
CA ILE A 199 20.08 6.88 8.14
C ILE A 199 20.22 6.69 6.64
N ILE A 200 20.58 5.49 6.22
CA ILE A 200 20.74 5.16 4.81
C ILE A 200 19.55 4.30 4.39
N LEU A 201 18.82 4.75 3.39
CA LEU A 201 17.68 4.01 2.87
C LEU A 201 18.05 3.43 1.51
N LEU A 202 17.89 2.12 1.38
CA LEU A 202 18.02 1.42 0.11
C LEU A 202 16.61 1.23 -0.41
N LEU A 203 16.28 1.91 -1.51
CA LEU A 203 14.92 1.91 -2.05
C LEU A 203 14.87 1.14 -3.37
N GLY A 204 15.66 0.08 -3.45
CA GLY A 204 15.82 -0.67 -4.67
C GLY A 204 17.26 -0.63 -5.13
N LYS A 205 17.49 -1.28 -6.28
CA LYS A 205 18.86 -1.44 -6.76
C LYS A 205 19.53 -0.10 -7.02
N ALA A 206 18.79 0.88 -7.56
CA ALA A 206 19.40 2.07 -8.13
C ALA A 206 18.95 3.38 -7.49
N LEU A 207 18.17 3.34 -6.42
CA LEU A 207 17.68 4.54 -5.77
C LEU A 207 17.98 4.47 -4.28
N SER A 208 18.63 5.49 -3.74
CA SER A 208 19.00 5.49 -2.34
C SER A 208 18.86 6.89 -1.76
N VAL A 209 18.68 6.95 -0.45
CA VAL A 209 18.62 8.22 0.25
C VAL A 209 19.55 8.13 1.46
N VAL A 210 20.40 9.13 1.61
CA VAL A 210 21.29 9.27 2.76
C VAL A 210 20.89 10.53 3.52
N TRP A 211 20.64 10.38 4.81
CA TRP A 211 20.00 11.43 5.59
C TRP A 211 20.67 11.55 6.93
N ASP A 212 21.10 12.78 7.29
CA ASP A 212 21.78 12.99 8.57
C ASP A 212 20.81 13.15 9.73
N ARG A 213 19.54 12.81 9.56
CA ARG A 213 18.50 12.83 10.58
C ARG A 213 18.00 14.23 10.88
N HIS A 214 18.53 15.28 10.24
CA HIS A 214 17.98 16.61 10.45
C HIS A 214 17.67 17.30 9.13
N LEU A 215 18.67 17.89 8.50
CA LEU A 215 18.41 18.73 7.33
C LEU A 215 19.27 18.41 6.11
N SER A 216 20.26 17.52 6.22
CA SER A 216 21.07 17.12 5.08
C SER A 216 20.40 15.90 4.48
N ILE A 217 19.73 16.09 3.35
CA ILE A 217 18.99 15.04 2.66
C ILE A 217 19.64 14.85 1.30
N SER A 218 20.09 13.62 1.03
CA SER A 218 20.77 13.30 -0.21
C SER A 218 20.06 12.15 -0.92
N VAL A 219 19.94 12.26 -2.25
CA VAL A 219 19.38 11.20 -3.08
C VAL A 219 20.49 10.72 -3.99
N VAL A 220 20.78 9.42 -3.94
CA VAL A 220 21.87 8.84 -4.71
C VAL A 220 21.23 8.03 -5.84
N LEU A 221 21.41 8.50 -7.07
CA LEU A 221 20.88 7.83 -8.25
C LEU A 221 21.99 7.15 -9.02
N LYS A 222 21.68 5.98 -9.55
CA LYS A 222 22.60 5.37 -10.50
C LYS A 222 22.36 5.96 -11.89
N GLN A 223 23.41 5.94 -12.70
CA GLN A 223 23.42 6.63 -13.98
C GLN A 223 22.36 6.12 -14.95
N THR A 224 21.67 5.02 -14.64
CA THR A 224 20.58 4.58 -15.50
C THR A 224 19.41 5.57 -15.51
N TYR A 225 19.31 6.41 -14.49
CA TYR A 225 18.26 7.42 -14.40
C TYR A 225 18.62 8.73 -15.10
N GLN A 226 19.72 8.77 -15.85
CA GLN A 226 20.15 10.02 -16.45
C GLN A 226 19.12 10.48 -17.48
N GLU A 227 18.88 11.80 -17.50
CA GLU A 227 17.90 12.48 -18.34
C GLU A 227 16.48 11.98 -18.10
N LYS A 228 16.26 11.16 -17.08
CA LYS A 228 14.94 10.61 -16.80
C LYS A 228 14.28 11.23 -15.58
N VAL A 229 14.97 12.08 -14.83
CA VAL A 229 14.43 12.66 -13.61
C VAL A 229 14.26 14.16 -13.78
N CYS A 230 13.51 14.77 -12.86
CA CYS A 230 13.23 16.18 -12.88
C CYS A 230 12.82 16.60 -11.48
N GLY A 231 12.62 17.90 -11.28
CA GLY A 231 12.32 18.43 -9.98
C GLY A 231 13.42 19.38 -9.52
N LEU A 232 13.46 19.68 -8.22
CA LEU A 232 14.44 20.64 -7.72
C LEU A 232 15.88 20.21 -7.98
N CYS A 233 16.11 18.92 -8.21
CA CYS A 233 17.46 18.39 -8.36
C CYS A 233 17.93 18.36 -9.81
N GLY A 234 17.16 18.92 -10.74
CA GLY A 234 17.59 18.95 -12.12
C GLY A 234 17.30 17.66 -12.87
N ASN A 235 17.78 17.62 -14.12
CA ASN A 235 17.46 16.53 -15.02
C ASN A 235 18.56 15.48 -15.10
N PHE A 236 19.67 15.64 -14.38
CA PHE A 236 20.69 14.61 -14.26
C PHE A 236 21.23 14.20 -15.63
N ASP A 237 21.88 15.16 -16.31
CA ASP A 237 22.43 14.90 -17.64
C ASP A 237 23.88 15.38 -17.80
N GLY A 238 24.56 15.74 -16.73
CA GLY A 238 25.92 16.20 -16.83
C GLY A 238 26.09 17.63 -17.27
N ILE A 239 25.00 18.32 -17.61
CA ILE A 239 25.03 19.73 -17.99
C ILE A 239 24.43 20.53 -16.84
N GLN A 240 25.28 21.31 -16.17
CA GLN A 240 24.85 22.04 -14.98
C GLN A 240 23.96 23.22 -15.33
N ASN A 241 24.24 23.88 -16.45
CA ASN A 241 23.61 25.15 -16.79
C ASN A 241 22.17 25.02 -17.28
N ASN A 242 21.59 23.82 -17.29
CA ASN A 242 20.19 23.66 -17.67
C ASN A 242 19.34 23.08 -16.55
N ASP A 243 19.87 22.99 -15.33
CA ASP A 243 19.10 22.38 -14.25
C ASP A 243 17.97 23.27 -13.78
N LEU A 244 18.05 24.58 -14.00
CA LEU A 244 16.94 25.45 -13.70
C LEU A 244 15.92 25.41 -14.83
N THR A 245 15.53 24.21 -15.26
CA THR A 245 14.48 24.02 -16.24
C THR A 245 13.20 23.63 -15.49
N SER A 246 12.15 24.42 -15.67
CA SER A 246 10.91 24.25 -14.92
C SER A 246 10.20 22.98 -15.36
N SER A 247 8.99 22.77 -14.83
CA SER A 247 8.20 21.59 -15.18
C SER A 247 7.63 21.68 -16.59
N ASN A 248 7.60 22.86 -17.20
CA ASN A 248 7.14 23.05 -18.56
C ASN A 248 8.29 23.13 -19.57
N LEU A 249 9.43 22.52 -19.24
CA LEU A 249 10.57 22.38 -20.17
C LEU A 249 11.12 23.73 -20.62
N GLN A 250 11.04 24.75 -19.78
CA GLN A 250 11.57 26.06 -20.09
C GLN A 250 12.67 26.40 -19.09
N VAL A 251 13.76 26.99 -19.59
CA VAL A 251 14.89 27.36 -18.74
C VAL A 251 14.56 28.68 -18.05
N GLU A 252 14.63 28.67 -16.71
CA GLU A 252 14.33 29.83 -15.90
C GLU A 252 15.62 30.39 -15.33
N GLU A 253 15.83 31.69 -15.50
CA GLU A 253 17.05 32.31 -15.00
C GLU A 253 17.01 32.49 -13.48
N ASP A 254 15.81 32.70 -12.89
CA ASP A 254 15.68 32.88 -11.44
C ASP A 254 15.34 31.57 -10.77
N PRO A 255 16.08 31.14 -9.74
CA PRO A 255 15.76 29.87 -9.07
C PRO A 255 14.40 29.88 -8.39
N VAL A 256 13.92 31.04 -7.95
CA VAL A 256 12.62 31.09 -7.30
C VAL A 256 11.51 30.77 -8.30
N ASP A 257 11.70 31.17 -9.56
CA ASP A 257 10.76 30.76 -10.61
C ASP A 257 10.82 29.26 -10.85
N PHE A 258 12.04 28.71 -10.95
CA PHE A 258 12.18 27.28 -11.19
C PHE A 258 11.65 26.45 -10.03
N GLY A 259 11.91 26.90 -8.80
CA GLY A 259 11.43 26.15 -7.64
C GLY A 259 9.92 26.16 -7.52
N ASN A 260 9.30 27.31 -7.76
CA ASN A 260 7.84 27.38 -7.65
C ASN A 260 7.16 26.45 -8.65
N SER A 261 7.79 26.22 -9.81
CA SER A 261 7.19 25.33 -10.80
C SER A 261 7.14 23.89 -10.33
N TRP A 262 7.85 23.54 -9.25
CA TRP A 262 7.80 22.20 -8.68
C TRP A 262 7.03 22.16 -7.37
N LYS A 263 6.20 23.17 -7.11
CA LYS A 263 5.30 23.14 -5.96
C LYS A 263 4.21 22.10 -6.16
N VAL A 264 4.02 21.24 -5.18
CA VAL A 264 3.11 20.11 -5.29
C VAL A 264 1.65 20.56 -5.21
N SER A 265 1.23 21.04 -4.04
CA SER A 265 -0.16 21.41 -3.81
C SER A 265 -0.39 22.86 -4.19
N SER A 266 -1.40 23.09 -5.02
CA SER A 266 -1.77 24.45 -5.40
C SER A 266 -2.44 25.19 -4.26
N GLN A 267 -2.61 24.57 -3.09
CA GLN A 267 -3.22 25.25 -1.95
C GLN A 267 -2.34 26.40 -1.48
N CYS A 268 -1.07 26.11 -1.17
CA CYS A 268 -0.16 27.14 -0.70
C CYS A 268 0.23 28.08 -1.84
N ALA A 269 0.80 29.22 -1.47
CA ALA A 269 1.13 30.28 -2.41
C ALA A 269 2.59 30.18 -2.85
N ASP A 270 2.85 30.65 -4.06
CA ASP A 270 4.20 30.63 -4.61
C ASP A 270 5.10 31.56 -3.82
N THR A 271 6.39 31.25 -3.82
CA THR A 271 7.38 32.08 -3.15
C THR A 271 7.71 33.28 -4.02
N ARG A 272 7.61 34.48 -3.47
CA ARG A 272 7.94 35.68 -4.23
C ARG A 272 9.42 36.01 -4.13
N LYS A 273 9.90 36.74 -5.13
CA LYS A 273 11.33 37.04 -5.23
C LYS A 273 11.74 38.12 -4.23
N VAL A 274 12.93 37.97 -3.69
CA VAL A 274 13.54 38.93 -2.76
C VAL A 274 14.98 39.15 -3.19
N PRO A 275 15.46 40.40 -3.24
CA PRO A 275 16.87 40.64 -3.63
C PRO A 275 17.85 39.99 -2.65
N LEU A 276 18.89 39.38 -3.22
CA LEU A 276 19.84 38.61 -2.42
C LEU A 276 20.58 39.50 -1.43
N ASP A 277 20.46 39.15 -0.15
CA ASP A 277 21.16 39.87 0.91
C ASP A 277 22.52 39.22 1.08
N SER A 278 23.59 39.95 0.76
CA SER A 278 24.95 39.46 0.97
C SER A 278 25.34 39.39 2.44
N SER A 279 24.48 39.84 3.34
CA SER A 279 24.72 39.75 4.78
C SER A 279 23.38 39.54 5.46
N PRO A 280 22.90 38.30 5.52
CA PRO A 280 21.59 38.05 6.13
C PRO A 280 21.58 38.21 7.65
N ALA A 281 20.53 37.69 8.30
CA ALA A 281 20.02 38.11 9.59
C ALA A 281 20.99 38.89 10.47
N THR A 282 21.86 38.19 11.21
CA THR A 282 22.73 38.83 12.19
C THR A 282 24.00 39.40 11.59
N CYS A 283 24.18 39.30 10.28
CA CYS A 283 25.34 39.88 9.62
C CYS A 283 25.01 41.22 8.97
N HIS A 284 23.75 41.61 8.96
CA HIS A 284 23.35 42.84 8.28
C HIS A 284 23.80 44.06 9.07
N ASN A 285 24.58 44.93 8.43
CA ASN A 285 25.14 46.13 9.05
C ASN A 285 25.95 45.80 10.29
N ASN A 286 26.57 44.61 10.30
CA ASN A 286 27.44 44.15 11.38
C ASN A 286 28.68 43.56 10.70
N ILE A 287 29.64 44.42 10.37
CA ILE A 287 30.85 43.95 9.73
C ILE A 287 31.68 43.07 10.66
N MET A 288 31.51 43.24 11.97
CA MET A 288 32.22 42.40 12.92
C MET A 288 31.79 40.94 12.82
N LYS A 289 30.47 40.69 12.78
CA LYS A 289 30.02 39.31 12.71
C LYS A 289 30.30 38.68 11.36
N GLN A 290 30.18 39.47 10.28
CA GLN A 290 30.48 38.91 8.95
CA GLN A 290 30.49 38.93 8.95
C GLN A 290 31.92 38.40 8.90
N THR A 291 32.84 39.08 9.58
CA THR A 291 34.22 38.61 9.63
C THR A 291 34.35 37.34 10.44
N MET A 292 33.64 37.26 11.57
CA MET A 292 33.69 36.07 12.40
C MET A 292 33.15 34.85 11.64
N VAL A 293 32.00 35.02 10.97
CA VAL A 293 31.38 33.92 10.23
C VAL A 293 32.28 33.49 9.08
N ASP A 294 32.84 34.45 8.35
CA ASP A 294 33.73 34.11 7.23
C ASP A 294 34.94 33.34 7.73
N SER A 295 35.50 33.75 8.87
CA SER A 295 36.69 33.07 9.37
C SER A 295 36.36 31.69 9.91
N SER A 296 35.18 31.51 10.49
CA SER A 296 34.78 30.19 10.98
C SER A 296 34.52 29.25 9.82
N CYS A 297 33.77 29.70 8.82
CA CYS A 297 33.43 28.84 7.70
C CYS A 297 34.64 28.57 6.81
N ARG A 298 35.69 29.35 6.96
CA ARG A 298 36.89 29.19 6.14
C ARG A 298 37.66 27.93 6.53
N ILE A 299 37.17 27.20 7.53
CA ILE A 299 37.78 25.91 7.87
C ILE A 299 37.68 24.95 6.70
N LEU A 300 36.68 25.15 5.84
CA LEU A 300 36.45 24.26 4.71
C LEU A 300 37.61 24.20 3.74
N THR A 301 38.49 25.21 3.73
CA THR A 301 39.69 25.17 2.90
C THR A 301 40.97 25.23 3.74
N SER A 302 40.89 24.82 5.01
CA SER A 302 42.05 24.80 5.88
C SER A 302 42.87 23.53 5.61
N ASP A 303 43.80 23.23 6.52
CA ASP A 303 44.76 22.15 6.27
C ASP A 303 44.07 20.78 6.16
N VAL A 304 43.21 20.45 7.12
CA VAL A 304 42.61 19.11 7.12
C VAL A 304 41.73 18.88 5.90
N PHE A 305 41.22 19.95 5.29
CA PHE A 305 40.37 19.85 4.11
C PHE A 305 41.11 20.11 2.81
N GLN A 306 42.42 20.39 2.87
CA GLN A 306 43.13 20.81 1.67
C GLN A 306 43.17 19.68 0.64
N ASP A 307 43.41 18.43 1.09
CA ASP A 307 43.43 17.31 0.16
C ASP A 307 42.08 17.14 -0.51
N CYS A 308 41.00 17.30 0.24
CA CYS A 308 39.68 17.10 -0.33
C CYS A 308 39.32 18.22 -1.31
N ASN A 309 39.80 19.45 -1.08
CA ASN A 309 39.42 20.57 -1.93
C ASN A 309 39.72 20.30 -3.40
N LYS A 310 40.74 19.47 -3.69
CA LYS A 310 41.01 19.11 -5.07
C LYS A 310 39.93 18.21 -5.65
N LEU A 311 39.45 17.24 -4.86
CA LEU A 311 38.44 16.30 -5.34
C LEU A 311 37.04 16.89 -5.32
N VAL A 312 36.67 17.61 -4.27
CA VAL A 312 35.32 18.15 -4.12
C VAL A 312 35.43 19.66 -3.94
N ASP A 313 34.73 20.41 -4.79
CA ASP A 313 34.73 21.87 -4.72
C ASP A 313 34.08 22.32 -3.43
N PRO A 314 34.78 23.06 -2.56
CA PRO A 314 34.15 23.52 -1.31
C PRO A 314 33.31 24.78 -1.48
N GLU A 315 33.41 25.46 -2.62
CA GLU A 315 32.70 26.72 -2.84
C GLU A 315 31.22 26.68 -2.49
N PRO A 316 30.43 25.69 -2.94
CA PRO A 316 29.01 25.70 -2.53
C PRO A 316 28.79 25.47 -1.05
N TYR A 317 29.58 24.59 -0.41
CA TYR A 317 29.43 24.40 1.03
C TYR A 317 29.89 25.63 1.81
N LEU A 318 30.85 26.37 1.27
CA LEU A 318 31.29 27.57 1.96
C LEU A 318 30.26 28.70 1.83
N ASP A 319 29.67 28.86 0.65
CA ASP A 319 28.61 29.85 0.50
C ASP A 319 27.45 29.56 1.44
N VAL A 320 27.04 28.30 1.53
CA VAL A 320 25.92 27.95 2.40
C VAL A 320 26.30 28.12 3.86
N CYS A 321 27.52 27.72 4.22
CA CYS A 321 27.97 27.89 5.60
C CYS A 321 27.89 29.35 6.02
N ILE A 322 28.38 30.27 5.18
CA ILE A 322 28.36 31.69 5.53
C ILE A 322 26.93 32.20 5.63
N TYR A 323 26.08 31.83 4.67
CA TYR A 323 24.71 32.32 4.65
C TYR A 323 23.93 31.83 5.87
N ASP A 324 24.08 30.55 6.22
CA ASP A 324 23.26 30.00 7.29
C ASP A 324 23.79 30.41 8.66
N THR A 325 25.11 30.42 8.84
CA THR A 325 25.67 30.81 10.13
C THR A 325 25.31 32.24 10.48
N CYS A 326 25.05 33.09 9.49
CA CYS A 326 24.64 34.46 9.74
C CYS A 326 23.28 34.56 10.41
N SER A 327 22.63 33.44 10.70
CA SER A 327 21.39 33.41 11.46
C SER A 327 21.60 32.96 12.90
N CYS A 328 22.80 32.49 13.24
CA CYS A 328 23.10 32.01 14.57
C CYS A 328 23.64 33.13 15.46
N GLU A 329 23.27 33.10 16.74
CA GLU A 329 23.81 34.09 17.67
C GLU A 329 25.22 33.72 18.13
N SER A 330 25.56 32.43 18.13
CA SER A 330 26.89 31.96 18.49
C SER A 330 27.31 30.87 17.53
N ILE A 331 28.54 30.98 17.01
CA ILE A 331 29.03 30.02 16.02
C ILE A 331 29.46 28.70 16.66
N GLY A 332 29.75 28.69 17.97
CA GLY A 332 30.14 27.45 18.62
C GLY A 332 29.04 26.42 18.62
N ASP A 333 27.86 26.78 19.11
CA ASP A 333 26.72 25.87 19.20
C ASP A 333 25.80 25.98 17.99
N CYS A 334 26.20 26.72 16.96
CA CYS A 334 25.36 26.90 15.78
C CYS A 334 25.21 25.56 15.06
N ALA A 335 23.95 25.13 14.91
CA ALA A 335 23.70 23.83 14.29
C ALA A 335 23.95 23.88 12.79
N ALA A 336 23.54 24.96 12.13
CA ALA A 336 23.73 25.09 10.70
C ALA A 336 25.20 25.09 10.32
N PHE A 337 26.06 25.54 11.25
CA PHE A 337 27.49 25.55 10.97
C PHE A 337 28.05 24.12 10.95
N CYS A 338 27.82 23.36 12.03
CA CYS A 338 28.41 22.03 12.11
C CYS A 338 27.82 21.10 11.05
N ASP A 339 26.50 21.17 10.82
CA ASP A 339 25.88 20.27 9.87
C ASP A 339 26.39 20.50 8.46
N THR A 340 26.55 21.76 8.07
CA THR A 340 27.04 22.04 6.73
C THR A 340 28.50 21.59 6.58
N ILE A 341 29.33 21.84 7.59
CA ILE A 341 30.71 21.39 7.54
C ILE A 341 30.78 19.87 7.51
N ALA A 342 29.98 19.21 8.35
CA ALA A 342 29.96 17.76 8.36
C ALA A 342 29.50 17.21 7.02
N ALA A 343 28.59 17.93 6.35
CA ALA A 343 28.09 17.49 5.05
C ALA A 343 29.20 17.50 4.01
N TYR A 344 30.12 18.46 4.10
CA TYR A 344 31.25 18.48 3.19
C TYR A 344 32.23 17.35 3.51
N ALA A 345 32.58 17.19 4.78
CA ALA A 345 33.47 16.12 5.17
C ALA A 345 32.93 14.76 4.77
N HIS A 346 31.60 14.63 4.71
CA HIS A 346 31.00 13.38 4.29
C HIS A 346 31.24 13.12 2.80
N VAL A 347 31.08 14.15 1.96
CA VAL A 347 31.35 13.98 0.54
C VAL A 347 32.83 13.70 0.31
N CYS A 348 33.70 14.40 1.05
CA CYS A 348 35.13 14.13 0.98
C CYS A 348 35.41 12.66 1.20
N ALA A 349 34.82 12.10 2.27
CA ALA A 349 35.11 10.74 2.65
C ALA A 349 34.68 9.76 1.57
N GLN A 350 33.63 10.08 0.81
CA GLN A 350 33.24 9.22 -0.31
C GLN A 350 34.28 9.24 -1.41
N HIS A 351 35.08 10.31 -1.52
CA HIS A 351 36.18 10.36 -2.47
C HIS A 351 37.50 9.90 -1.88
N GLY A 352 37.48 9.16 -0.78
CA GLY A 352 38.68 8.61 -0.21
C GLY A 352 39.50 9.56 0.64
N LYS A 353 39.02 10.78 0.85
CA LYS A 353 39.73 11.76 1.66
C LYS A 353 38.92 11.97 2.94
N VAL A 354 39.13 11.09 3.91
CA VAL A 354 38.44 11.18 5.19
C VAL A 354 39.08 12.30 6.01
N VAL A 355 38.25 13.22 6.49
CA VAL A 355 38.71 14.43 7.17
C VAL A 355 38.25 14.38 8.61
N THR A 356 39.20 14.36 9.55
CA THR A 356 38.91 14.50 10.97
C THR A 356 39.08 15.97 11.32
N TRP A 357 37.97 16.66 11.58
CA TRP A 357 37.98 18.09 11.79
C TRP A 357 37.35 18.50 13.12
N ARG A 358 36.50 17.68 13.71
CA ARG A 358 35.85 18.07 14.94
C ARG A 358 36.87 18.12 16.08
N THR A 359 36.63 19.02 17.03
CA THR A 359 37.40 19.07 18.26
C THR A 359 36.45 19.37 19.40
N ALA A 360 36.96 19.25 20.63
CA ALA A 360 36.14 19.54 21.80
C ALA A 360 35.69 21.00 21.80
N THR A 361 36.45 21.87 21.15
CA THR A 361 36.10 23.28 21.06
C THR A 361 35.12 23.53 19.93
N LEU A 362 35.33 22.90 18.78
CA LEU A 362 34.57 23.18 17.57
C LEU A 362 33.75 21.94 17.22
N CYS A 363 32.43 22.07 17.32
CA CYS A 363 31.51 21.01 16.94
C CYS A 363 31.89 19.66 17.55
N PRO A 364 31.94 19.55 18.87
CA PRO A 364 32.35 18.29 19.48
C PRO A 364 31.23 17.26 19.39
N GLN A 365 31.64 16.01 19.21
CA GLN A 365 30.71 14.88 19.23
C GLN A 365 31.43 13.67 19.81
N SER A 366 30.89 13.13 20.90
CA SER A 366 31.46 11.97 21.56
C SER A 366 30.39 10.92 21.75
N CYS A 367 30.83 9.67 21.95
CA CYS A 367 29.95 8.54 22.19
C CYS A 367 30.00 8.07 23.63
N GLU A 368 30.56 8.89 24.51
CA GLU A 368 30.70 8.47 25.91
C GLU A 368 29.34 8.28 26.57
N GLU A 369 28.31 8.97 26.08
CA GLU A 369 27.01 8.93 26.73
C GLU A 369 26.39 7.54 26.66
N ARG A 370 26.46 6.90 25.50
CA ARG A 370 25.84 5.60 25.29
C ARG A 370 26.83 4.45 25.35
N ASN A 371 27.87 4.57 26.18
CA ASN A 371 28.82 3.49 26.39
C ASN A 371 28.53 2.87 27.77
N LEU A 372 27.55 1.98 27.79
CA LEU A 372 27.04 1.43 29.05
C LEU A 372 27.69 0.07 29.35
N ARG A 373 28.99 0.14 29.66
CA ARG A 373 29.73 -1.08 29.94
C ARG A 373 29.23 -1.76 31.20
N GLU A 374 29.08 -0.98 32.28
CA GLU A 374 28.72 -1.52 33.59
C GLU A 374 27.21 -1.59 33.81
N ASN A 375 26.43 -1.64 32.73
CA ASN A 375 24.97 -1.64 32.84
C ASN A 375 24.33 -2.86 32.17
N GLY A 376 25.10 -3.90 31.90
CA GLY A 376 24.59 -5.09 31.25
C GLY A 376 24.56 -5.05 29.74
N TYR A 377 24.97 -3.94 29.13
CA TYR A 377 25.09 -3.82 27.68
C TYR A 377 26.53 -4.09 27.29
N GLU A 378 26.75 -5.10 26.45
CA GLU A 378 28.08 -5.47 26.02
C GLU A 378 28.34 -4.86 24.64
N ALA A 379 28.72 -3.58 24.64
CA ALA A 379 29.02 -2.86 23.41
C ALA A 379 29.84 -1.63 23.71
N GLU A 380 30.92 -1.42 22.96
CA GLU A 380 31.77 -0.24 23.08
C GLU A 380 31.57 0.65 21.86
N TRP A 381 31.14 1.89 22.10
CA TRP A 381 30.82 2.85 21.05
C TRP A 381 31.94 3.88 20.93
N ARG A 382 32.60 3.92 19.77
CA ARG A 382 33.70 4.84 19.51
C ARG A 382 33.38 5.71 18.31
N TYR A 383 33.63 7.01 18.44
CA TYR A 383 33.45 7.91 17.31
C TYR A 383 34.48 7.61 16.22
N ASN A 384 34.04 7.71 14.97
CA ASN A 384 34.93 7.57 13.82
C ASN A 384 34.52 8.57 12.77
N SER A 385 35.50 9.27 12.18
CA SER A 385 35.20 10.23 11.14
C SER A 385 34.58 9.58 9.92
N CYS A 386 34.96 8.34 9.62
CA CYS A 386 34.29 7.59 8.56
C CYS A 386 34.55 6.11 8.77
N ALA A 387 33.52 5.40 9.25
CA ALA A 387 33.44 3.96 9.47
C ALA A 387 32.50 3.34 8.46
N PRO A 388 32.71 2.08 8.07
CA PRO A 388 31.86 1.46 7.04
C PRO A 388 30.38 1.63 7.34
N ALA A 389 29.64 2.07 6.33
CA ALA A 389 28.28 2.56 6.54
C ALA A 389 27.27 1.43 6.73
N CYS A 390 27.41 0.34 5.98
CA CYS A 390 26.46 -0.77 6.01
C CYS A 390 27.15 -1.99 6.61
N GLN A 391 27.15 -2.09 7.93
CA GLN A 391 27.76 -3.22 8.62
C GLN A 391 26.72 -4.31 8.85
N VAL A 392 27.20 -5.54 9.00
CA VAL A 392 26.33 -6.69 9.20
C VAL A 392 25.90 -6.75 10.67
N THR A 393 24.60 -6.70 10.90
CA THR A 393 24.03 -6.77 12.24
C THR A 393 22.92 -7.81 12.24
N CYS A 394 22.33 -8.04 13.41
CA CYS A 394 21.20 -8.96 13.47
C CYS A 394 20.04 -8.46 12.63
N GLN A 395 19.92 -7.14 12.47
CA GLN A 395 18.87 -6.53 11.69
C GLN A 395 19.23 -6.37 10.22
N HIS A 396 20.51 -6.51 9.88
CA HIS A 396 20.95 -6.53 8.48
C HIS A 396 21.96 -7.65 8.30
N PRO A 397 21.50 -8.91 8.34
CA PRO A 397 22.44 -10.03 8.29
C PRO A 397 23.07 -10.25 6.92
N GLU A 398 22.40 -9.86 5.83
CA GLU A 398 23.13 -10.04 4.58
C GLU A 398 23.92 -8.78 4.25
N PRO A 399 25.14 -8.90 3.72
CA PRO A 399 25.88 -7.72 3.25
C PRO A 399 25.10 -6.98 2.17
N LEU A 400 25.17 -5.66 2.23
CA LEU A 400 24.34 -4.80 1.41
C LEU A 400 25.18 -4.03 0.39
N ALA A 401 24.56 -3.75 -0.74
CA ALA A 401 25.13 -2.83 -1.72
C ALA A 401 24.82 -1.42 -1.23
N CYS A 402 25.75 -0.82 -0.47
CA CYS A 402 25.54 0.46 0.18
C CYS A 402 25.83 1.60 -0.79
N PRO A 403 24.98 2.64 -0.81
CA PRO A 403 25.22 3.76 -1.73
C PRO A 403 26.37 4.66 -1.30
N VAL A 404 26.85 4.54 -0.07
CA VAL A 404 28.03 5.26 0.39
C VAL A 404 29.01 4.28 1.01
N GLN A 405 30.30 4.59 0.88
CA GLN A 405 31.34 3.71 1.42
C GLN A 405 31.36 3.75 2.95
N CYS A 406 31.26 4.95 3.54
CA CYS A 406 31.35 5.09 4.98
C CYS A 406 30.59 6.33 5.42
N VAL A 407 30.31 6.41 6.73
CA VAL A 407 29.63 7.57 7.32
C VAL A 407 30.23 7.86 8.69
N GLU A 408 30.03 9.10 9.12
CA GLU A 408 30.52 9.61 10.39
C GLU A 408 29.50 9.35 11.49
N GLY A 409 29.99 9.11 12.69
CA GLY A 409 29.15 8.97 13.85
C GLY A 409 29.75 8.00 14.84
N CYS A 410 28.88 7.45 15.69
CA CYS A 410 29.26 6.45 16.68
C CYS A 410 29.01 5.06 16.13
N HIS A 411 30.02 4.21 16.18
CA HIS A 411 29.91 2.85 15.66
C HIS A 411 30.30 1.84 16.74
N ALA A 412 29.49 0.79 16.84
CA ALA A 412 29.70 -0.23 17.85
C ALA A 412 30.84 -1.16 17.47
N HIS A 413 31.68 -1.50 18.44
CA HIS A 413 32.78 -2.43 18.24
C HIS A 413 32.55 -3.64 19.14
N CYS A 414 32.49 -4.82 18.52
CA CYS A 414 32.18 -6.08 19.19
C CYS A 414 33.42 -6.96 19.30
N PRO A 415 33.44 -7.88 20.27
CA PRO A 415 34.56 -8.82 20.36
C PRO A 415 34.62 -9.71 19.12
N PRO A 416 35.79 -10.29 18.83
CA PRO A 416 35.92 -11.14 17.64
C PRO A 416 34.84 -12.21 17.55
N GLY A 417 34.22 -12.31 16.38
CA GLY A 417 33.21 -13.32 16.15
C GLY A 417 31.83 -12.97 16.67
N LYS A 418 31.59 -11.70 17.00
CA LYS A 418 30.30 -11.26 17.51
C LYS A 418 29.77 -10.13 16.64
N ILE A 419 28.45 -10.04 16.57
CA ILE A 419 27.73 -9.13 15.69
C ILE A 419 26.85 -8.23 16.55
N LEU A 420 26.73 -6.97 16.14
CA LEU A 420 25.88 -6.03 16.85
C LEU A 420 24.41 -6.39 16.71
N ASP A 421 23.68 -6.35 17.82
CA ASP A 421 22.23 -6.46 17.82
C ASP A 421 21.67 -5.06 18.09
N GLU A 422 21.20 -4.40 17.03
CA GLU A 422 20.80 -3.00 17.14
C GLU A 422 19.61 -2.82 18.06
N LEU A 423 18.68 -3.79 18.08
CA LEU A 423 17.50 -3.62 18.91
C LEU A 423 17.82 -3.76 20.39
N LEU A 424 18.82 -4.56 20.73
CA LEU A 424 19.23 -4.74 22.12
C LEU A 424 20.40 -3.86 22.52
N GLN A 425 21.06 -3.20 21.56
CA GLN A 425 22.20 -2.31 21.83
C GLN A 425 23.33 -3.06 22.53
N THR A 426 23.57 -4.29 22.10
CA THR A 426 24.61 -5.12 22.70
C THR A 426 25.12 -6.11 21.67
N CYS A 427 26.36 -6.56 21.87
CA CYS A 427 26.99 -7.53 20.98
C CYS A 427 26.55 -8.93 21.34
N VAL A 428 26.16 -9.70 20.33
CA VAL A 428 25.67 -11.06 20.50
C VAL A 428 26.36 -11.94 19.47
N ASP A 429 26.31 -13.25 19.73
CA ASP A 429 26.82 -14.23 18.77
C ASP A 429 25.93 -14.22 17.52
N PRO A 430 26.52 -14.41 16.34
CA PRO A 430 25.70 -14.37 15.11
C PRO A 430 24.61 -15.42 15.09
N GLU A 431 24.82 -16.54 15.77
CA GLU A 431 23.80 -17.60 15.84
C GLU A 431 22.59 -17.17 16.66
N ASP A 432 22.71 -16.16 17.50
CA ASP A 432 21.63 -15.70 18.36
C ASP A 432 20.76 -14.61 17.74
N CYS A 433 21.05 -14.19 16.52
CA CYS A 433 20.17 -13.24 15.85
C CYS A 433 18.89 -13.95 15.42
N PRO A 434 17.72 -13.33 15.61
CA PRO A 434 16.50 -13.87 15.00
C PRO A 434 16.52 -13.67 13.49
N VAL A 435 17.16 -14.60 12.78
CA VAL A 435 17.43 -14.42 11.35
C VAL A 435 17.15 -15.73 10.63
N CYS A 436 16.43 -15.63 9.52
CA CYS A 436 16.20 -16.72 8.58
C CYS A 436 17.05 -16.54 7.33
N GLU A 437 17.14 -17.60 6.53
CA GLU A 437 17.86 -17.58 5.28
C GLU A 437 17.06 -18.34 4.23
N VAL A 438 17.00 -17.78 3.03
CA VAL A 438 16.33 -18.43 1.90
C VAL A 438 17.00 -17.94 0.62
N ALA A 439 17.22 -18.88 -0.31
CA ALA A 439 17.87 -18.58 -1.59
C ALA A 439 19.22 -17.91 -1.37
N GLY A 440 19.95 -18.38 -0.36
CA GLY A 440 21.25 -17.82 -0.04
C GLY A 440 21.22 -16.43 0.54
N ARG A 441 20.04 -15.88 0.84
CA ARG A 441 19.91 -14.55 1.39
C ARG A 441 19.44 -14.63 2.84
N ARG A 442 20.17 -13.99 3.74
CA ARG A 442 19.79 -13.92 5.15
C ARG A 442 19.01 -12.63 5.38
N PHE A 443 17.85 -12.75 6.00
CA PHE A 443 17.02 -11.60 6.32
C PHE A 443 16.56 -11.71 7.76
N ALA A 444 16.39 -10.56 8.41
CA ALA A 444 16.04 -10.50 9.82
C ALA A 444 14.57 -10.86 10.04
N SER A 445 14.26 -11.18 11.30
CA SER A 445 12.89 -11.49 11.68
C SER A 445 11.99 -10.29 11.38
N GLY A 446 10.87 -10.56 10.72
CA GLY A 446 9.93 -9.53 10.32
C GLY A 446 10.15 -8.99 8.92
N LYS A 447 11.30 -9.29 8.31
CA LYS A 447 11.54 -8.86 6.95
C LYS A 447 10.89 -9.87 6.00
N LYS A 448 10.36 -9.37 4.90
CA LYS A 448 9.70 -10.18 3.89
C LYS A 448 10.55 -10.19 2.62
N VAL A 449 10.92 -11.38 2.17
CA VAL A 449 11.73 -11.56 0.96
C VAL A 449 10.85 -12.15 -0.13
N THR A 450 10.93 -11.58 -1.33
CA THR A 450 10.17 -12.04 -2.47
C THR A 450 11.10 -12.77 -3.44
N LEU A 451 10.76 -14.04 -3.70
CA LEU A 451 11.51 -14.87 -4.62
C LEU A 451 10.79 -14.88 -5.96
N ASN A 452 11.54 -14.65 -7.04
CA ASN A 452 11.00 -14.69 -8.40
C ASN A 452 9.77 -13.77 -8.54
N PRO A 453 9.96 -12.46 -8.37
CA PRO A 453 8.79 -11.58 -8.28
C PRO A 453 7.92 -11.59 -9.53
N SER A 454 8.56 -11.66 -10.70
CA SER A 454 7.89 -11.53 -11.99
C SER A 454 7.41 -12.86 -12.55
N ASP A 455 7.62 -13.97 -11.83
CA ASP A 455 7.21 -15.28 -12.31
C ASP A 455 5.99 -15.75 -11.54
N PRO A 456 4.79 -15.69 -12.12
CA PRO A 456 3.59 -16.06 -11.35
C PRO A 456 3.59 -17.49 -10.86
N GLU A 457 4.22 -18.40 -11.60
CA GLU A 457 4.27 -19.81 -11.23
C GLU A 457 5.31 -20.12 -10.15
N HIS A 458 6.20 -19.18 -9.83
CA HIS A 458 7.22 -19.45 -8.82
C HIS A 458 7.40 -18.31 -7.84
N CYS A 459 6.59 -17.26 -7.95
CA CYS A 459 6.65 -16.15 -7.01
C CYS A 459 6.30 -16.63 -5.60
N GLN A 460 7.16 -16.30 -4.65
CA GLN A 460 6.93 -16.64 -3.26
C GLN A 460 7.34 -15.45 -2.39
N ILE A 461 6.61 -15.27 -1.29
CA ILE A 461 6.92 -14.26 -0.29
C ILE A 461 7.29 -15.00 0.99
N CYS A 462 8.54 -14.88 1.41
CA CYS A 462 9.04 -15.63 2.56
C CYS A 462 9.07 -14.73 3.79
N HIS A 463 8.65 -15.29 4.92
CA HIS A 463 8.55 -14.59 6.19
C HIS A 463 9.40 -15.27 7.25
N CYS A 464 9.99 -14.47 8.13
CA CYS A 464 10.83 -14.97 9.21
C CYS A 464 10.16 -14.64 10.54
N ASP A 465 9.65 -15.65 11.23
CA ASP A 465 9.00 -15.39 12.51
C ASP A 465 10.01 -14.99 13.56
N VAL A 466 10.84 -15.94 14.01
CA VAL A 466 11.97 -15.62 14.87
C VAL A 466 13.20 -16.22 14.20
N VAL A 467 13.26 -17.56 14.17
CA VAL A 467 14.13 -18.31 13.29
C VAL A 467 13.35 -19.17 12.33
N ASN A 468 12.02 -19.15 12.43
CA ASN A 468 11.15 -19.99 11.63
C ASN A 468 10.90 -19.33 10.27
N LEU A 469 11.21 -20.07 9.21
CA LEU A 469 11.03 -19.59 7.85
C LEU A 469 9.79 -20.23 7.24
N THR A 470 8.88 -19.40 6.73
CA THR A 470 7.69 -19.87 6.02
C THR A 470 7.57 -19.08 4.73
N CYS A 471 7.38 -19.77 3.61
CA CYS A 471 7.17 -19.12 2.33
C CYS A 471 5.76 -19.41 1.83
N GLU A 472 5.18 -18.42 1.15
CA GLU A 472 3.84 -18.52 0.60
C GLU A 472 3.85 -18.02 -0.83
N ALA A 473 3.06 -18.66 -1.69
CA ALA A 473 2.95 -18.22 -3.07
C ALA A 473 2.27 -16.86 -3.13
N CYS A 474 2.60 -16.10 -4.17
CA CYS A 474 2.00 -14.79 -4.37
C CYS A 474 0.59 -14.98 -4.94
N GLN A 475 -0.21 -13.93 -4.80
CA GLN A 475 -1.59 -13.93 -5.28
C GLN A 475 -1.69 -13.11 -6.57
N GLU A 476 -2.00 -13.79 -7.67
CA GLU A 476 -2.17 -13.13 -8.96
C GLU A 476 -3.17 -11.98 -8.84
N PRO A 477 -2.76 -10.73 -9.13
CA PRO A 477 -3.64 -9.59 -8.83
C PRO A 477 -4.89 -9.50 -9.68
N GLY A 478 -4.93 -10.16 -10.84
CA GLY A 478 -6.09 -10.11 -11.71
C GLY A 478 -6.32 -8.77 -12.40
N LEU B 2 -89.57 2.08 1.27
CA LEU B 2 -89.50 0.99 0.30
C LEU B 2 -88.36 1.22 -0.69
N SER B 3 -88.13 2.49 -1.05
CA SER B 3 -87.07 2.81 -1.99
C SER B 3 -85.70 2.57 -1.36
N CYS B 4 -84.69 2.39 -2.21
CA CYS B 4 -83.33 2.18 -1.77
C CYS B 4 -82.46 3.40 -2.06
N ARG B 5 -81.42 3.56 -1.26
CA ARG B 5 -80.54 4.69 -1.45
C ARG B 5 -79.83 4.60 -2.79
N PRO B 6 -79.75 5.71 -3.54
CA PRO B 6 -79.04 5.66 -4.82
C PRO B 6 -77.57 5.36 -4.63
N PRO B 7 -76.91 4.72 -5.60
CA PRO B 7 -77.52 4.30 -6.87
C PRO B 7 -78.07 2.88 -6.85
N MET B 8 -78.25 2.31 -5.66
CA MET B 8 -78.74 0.95 -5.55
C MET B 8 -80.16 0.84 -6.07
N VAL B 9 -80.42 -0.22 -6.84
CA VAL B 9 -81.74 -0.50 -7.38
C VAL B 9 -82.24 -1.80 -6.77
N LYS B 10 -83.55 -1.88 -6.51
CA LYS B 10 -84.11 -3.06 -5.87
C LYS B 10 -84.25 -4.21 -6.87
N LEU B 11 -84.22 -5.43 -6.34
CA LEU B 11 -84.41 -6.64 -7.13
C LEU B 11 -85.41 -7.52 -6.39
N VAL B 12 -86.67 -7.49 -6.82
CA VAL B 12 -87.69 -8.38 -6.28
C VAL B 12 -87.48 -9.76 -6.88
N CYS B 13 -87.42 -10.76 -6.03
CA CYS B 13 -87.14 -12.11 -6.48
C CYS B 13 -88.43 -12.78 -6.95
N PRO B 14 -88.53 -13.10 -8.24
CA PRO B 14 -89.77 -13.71 -8.75
C PRO B 14 -89.77 -15.22 -8.52
N ALA B 15 -90.79 -15.69 -7.80
CA ALA B 15 -90.92 -17.12 -7.56
C ALA B 15 -91.39 -17.83 -8.83
N ASP B 16 -91.23 -19.15 -8.85
CA ASP B 16 -91.60 -20.00 -9.97
C ASP B 16 -90.84 -19.65 -11.25
N ASN B 17 -89.87 -18.73 -11.18
CA ASN B 17 -89.05 -18.40 -12.33
C ASN B 17 -87.80 -19.27 -12.35
N LEU B 18 -87.40 -19.69 -13.56
CA LEU B 18 -86.35 -20.68 -13.71
C LEU B 18 -85.03 -20.19 -13.11
N ARG B 19 -84.57 -19.01 -13.52
CA ARG B 19 -83.30 -18.48 -13.07
C ARG B 19 -83.48 -17.08 -12.52
N ALA B 20 -82.73 -16.78 -11.47
CA ALA B 20 -82.72 -15.44 -10.91
C ALA B 20 -81.47 -15.28 -10.06
N GLU B 21 -80.95 -14.06 -10.01
CA GLU B 21 -79.78 -13.73 -9.22
C GLU B 21 -80.12 -12.53 -8.34
N GLY B 22 -79.90 -12.66 -7.04
CA GLY B 22 -80.17 -11.57 -6.14
C GLY B 22 -78.93 -11.19 -5.37
N LEU B 23 -79.08 -11.01 -4.05
CA LEU B 23 -77.94 -10.62 -3.23
C LEU B 23 -76.91 -11.73 -3.08
N GLU B 24 -77.29 -12.99 -3.36
CA GLU B 24 -76.32 -14.07 -3.24
C GLU B 24 -75.16 -13.90 -4.22
N CYS B 25 -75.44 -13.39 -5.42
CA CYS B 25 -74.42 -13.14 -6.41
C CYS B 25 -73.91 -11.70 -6.38
N THR B 26 -73.91 -11.06 -5.21
CA THR B 26 -73.36 -9.71 -5.09
C THR B 26 -71.87 -9.73 -5.38
N LYS B 27 -71.41 -8.73 -6.13
CA LYS B 27 -70.01 -8.61 -6.52
C LYS B 27 -69.35 -7.50 -5.71
N THR B 28 -68.24 -7.82 -5.05
CA THR B 28 -67.45 -6.85 -4.31
C THR B 28 -66.06 -6.71 -4.93
N CYS B 29 -65.21 -5.90 -4.30
CA CYS B 29 -63.85 -5.68 -4.78
C CYS B 29 -62.99 -6.93 -4.68
N GLN B 30 -63.46 -7.98 -4.02
CA GLN B 30 -62.71 -9.23 -3.89
C GLN B 30 -63.17 -10.29 -4.89
N ASN B 31 -64.46 -10.57 -4.96
CA ASN B 31 -64.97 -11.67 -5.79
C ASN B 31 -65.50 -11.16 -7.12
N TYR B 32 -64.91 -10.11 -7.68
CA TYR B 32 -65.42 -9.55 -8.92
C TYR B 32 -65.18 -10.51 -10.08
N ASP B 33 -63.92 -10.83 -10.34
CA ASP B 33 -63.57 -11.76 -11.40
C ASP B 33 -63.71 -13.20 -10.91
N LEU B 34 -64.86 -13.54 -10.34
CA LEU B 34 -65.19 -14.88 -9.89
C LEU B 34 -66.59 -15.22 -10.35
N GLU B 35 -66.97 -16.48 -10.18
CA GLU B 35 -68.26 -16.99 -10.62
C GLU B 35 -69.11 -17.37 -9.43
N CYS B 36 -70.43 -17.24 -9.59
CA CYS B 36 -71.37 -17.53 -8.52
C CYS B 36 -72.38 -18.57 -8.98
N MET B 37 -72.86 -19.36 -8.02
CA MET B 37 -73.94 -20.31 -8.28
C MET B 37 -74.92 -20.20 -7.13
N SER B 38 -76.11 -19.68 -7.41
CA SER B 38 -77.13 -19.42 -6.41
C SER B 38 -78.17 -20.53 -6.42
N MET B 39 -78.48 -21.08 -5.25
CA MET B 39 -79.62 -21.99 -5.15
C MET B 39 -80.91 -21.26 -5.44
N GLY B 40 -81.03 -20.02 -4.97
CA GLY B 40 -82.18 -19.18 -5.22
C GLY B 40 -81.83 -17.74 -4.89
N CYS B 41 -82.27 -16.79 -5.70
CA CYS B 41 -81.89 -15.40 -5.50
C CYS B 41 -82.41 -14.89 -4.15
N VAL B 42 -81.62 -14.04 -3.52
CA VAL B 42 -82.00 -13.38 -2.29
C VAL B 42 -82.43 -11.96 -2.64
N SER B 43 -83.68 -11.63 -2.36
CA SER B 43 -84.21 -10.32 -2.72
C SER B 43 -83.48 -9.23 -1.93
N GLY B 44 -83.29 -8.08 -2.57
CA GLY B 44 -82.66 -6.97 -1.90
C GLY B 44 -82.22 -5.91 -2.89
N CYS B 45 -81.42 -4.98 -2.39
CA CYS B 45 -80.88 -3.90 -3.21
C CYS B 45 -79.41 -4.16 -3.50
N LEU B 46 -79.04 -3.92 -4.76
CA LEU B 46 -77.69 -4.17 -5.24
C LEU B 46 -77.21 -2.96 -6.03
N CYS B 47 -75.89 -2.84 -6.16
CA CYS B 47 -75.33 -1.75 -6.93
C CYS B 47 -75.62 -1.95 -8.41
N PRO B 48 -75.61 -0.86 -9.19
CA PRO B 48 -75.74 -0.98 -10.64
C PRO B 48 -74.61 -1.81 -11.23
N PRO B 49 -74.72 -2.22 -12.49
CA PRO B 49 -73.66 -3.07 -13.09
C PRO B 49 -72.24 -2.52 -12.97
N GLY B 50 -72.01 -1.25 -13.32
CA GLY B 50 -70.65 -0.73 -13.37
C GLY B 50 -69.96 -0.62 -12.03
N MET B 51 -70.66 -0.87 -10.93
CA MET B 51 -70.11 -0.67 -9.60
C MET B 51 -70.05 -1.99 -8.85
N VAL B 52 -69.33 -1.96 -7.73
CA VAL B 52 -69.29 -3.08 -6.80
C VAL B 52 -69.53 -2.53 -5.40
N ARG B 53 -70.02 -3.39 -4.53
CA ARG B 53 -70.34 -3.00 -3.16
C ARG B 53 -69.08 -3.12 -2.30
N HIS B 54 -68.69 -2.01 -1.68
CA HIS B 54 -67.49 -1.96 -0.86
C HIS B 54 -67.73 -1.04 0.33
N GLU B 55 -67.61 -1.58 1.54
CA GLU B 55 -67.86 -0.84 2.77
C GLU B 55 -69.29 -0.27 2.79
N ASN B 56 -70.26 -1.13 2.47
CA ASN B 56 -71.69 -0.80 2.52
C ASN B 56 -72.05 0.36 1.60
N ARG B 57 -71.26 0.56 0.55
CA ARG B 57 -71.56 1.60 -0.44
C ARG B 57 -71.07 1.14 -1.81
N CYS B 58 -71.68 1.70 -2.85
CA CYS B 58 -71.32 1.39 -4.22
C CYS B 58 -70.16 2.27 -4.66
N VAL B 59 -69.12 1.64 -5.19
CA VAL B 59 -67.95 2.35 -5.69
C VAL B 59 -67.71 1.92 -7.12
N ALA B 60 -67.08 2.81 -7.89
CA ALA B 60 -66.62 2.42 -9.21
C ALA B 60 -65.63 1.27 -9.09
N LEU B 61 -65.61 0.40 -10.10
CA LEU B 61 -64.69 -0.73 -10.06
C LEU B 61 -63.23 -0.28 -10.02
N GLU B 62 -62.89 0.77 -10.78
CA GLU B 62 -61.49 1.21 -10.83
C GLU B 62 -61.01 1.77 -9.50
N ARG B 63 -61.92 2.20 -8.63
CA ARG B 63 -61.55 2.67 -7.29
C ARG B 63 -61.39 1.54 -6.29
N CYS B 64 -61.55 0.28 -6.70
CA CYS B 64 -61.33 -0.83 -5.79
C CYS B 64 -59.88 -0.87 -5.35
N PRO B 65 -59.60 -1.21 -4.09
CA PRO B 65 -58.22 -1.30 -3.62
C PRO B 65 -57.59 -2.64 -3.97
N CYS B 66 -56.27 -2.69 -3.80
CA CYS B 66 -55.51 -3.92 -3.93
C CYS B 66 -55.26 -4.48 -2.54
N PHE B 67 -54.96 -5.78 -2.49
CA PHE B 67 -54.74 -6.49 -1.25
C PHE B 67 -53.32 -7.04 -1.25
N HIS B 68 -52.58 -6.79 -0.17
CA HIS B 68 -51.22 -7.30 -0.02
C HIS B 68 -51.05 -7.82 1.40
N GLN B 69 -50.90 -9.15 1.53
CA GLN B 69 -50.66 -9.79 2.82
C GLN B 69 -51.80 -9.49 3.80
N GLY B 70 -53.03 -9.54 3.31
CA GLY B 70 -54.20 -9.29 4.12
C GLY B 70 -54.59 -7.82 4.24
N LYS B 71 -53.60 -6.93 4.27
CA LYS B 71 -53.86 -5.50 4.42
C LYS B 71 -54.35 -4.89 3.12
N GLU B 72 -55.22 -3.89 3.26
CA GLU B 72 -55.83 -3.20 2.12
C GLU B 72 -55.10 -1.89 1.85
N TYR B 73 -54.75 -1.67 0.58
CA TYR B 73 -54.05 -0.47 0.15
C TYR B 73 -54.89 0.23 -0.91
N ALA B 74 -55.09 1.54 -0.74
CA ALA B 74 -55.88 2.32 -1.68
C ALA B 74 -55.20 2.37 -3.05
N PRO B 75 -55.97 2.60 -4.11
CA PRO B 75 -55.35 2.75 -5.44
C PRO B 75 -54.40 3.94 -5.48
N GLY B 76 -53.17 3.69 -5.93
CA GLY B 76 -52.11 4.66 -5.92
C GLY B 76 -51.12 4.48 -4.78
N GLU B 77 -51.59 3.97 -3.64
CA GLU B 77 -50.69 3.68 -2.52
C GLU B 77 -49.73 2.57 -2.91
N THR B 78 -48.44 2.88 -2.88
CA THR B 78 -47.42 1.92 -3.28
C THR B 78 -46.94 1.11 -2.09
N VAL B 79 -46.59 -0.14 -2.35
CA VAL B 79 -45.94 -1.02 -1.38
C VAL B 79 -44.58 -1.41 -1.93
N LYS B 80 -43.62 -1.58 -1.02
CA LYS B 80 -42.23 -1.86 -1.39
C LYS B 80 -41.86 -3.23 -0.84
N ILE B 81 -41.51 -4.15 -1.73
CA ILE B 81 -40.97 -5.45 -1.35
C ILE B 81 -39.57 -5.59 -1.95
N GLY B 82 -38.61 -5.91 -1.09
CA GLY B 82 -37.22 -5.86 -1.52
C GLY B 82 -36.84 -4.41 -1.79
N CYS B 83 -36.13 -4.21 -2.88
CA CYS B 83 -35.76 -2.87 -3.34
C CYS B 83 -36.71 -2.36 -4.42
N ASN B 84 -37.78 -3.10 -4.68
CA ASN B 84 -38.73 -2.77 -5.72
C ASN B 84 -40.01 -2.19 -5.13
N THR B 85 -40.67 -1.33 -5.89
CA THR B 85 -41.93 -0.75 -5.47
C THR B 85 -43.04 -1.27 -6.36
N CYS B 86 -44.16 -1.61 -5.73
CA CYS B 86 -45.37 -2.07 -6.38
C CYS B 86 -46.46 -1.04 -6.17
N VAL B 87 -46.97 -0.47 -7.26
CA VAL B 87 -48.07 0.50 -7.18
C VAL B 87 -49.38 -0.23 -7.40
N CYS B 88 -50.39 0.14 -6.62
CA CYS B 88 -51.74 -0.36 -6.81
C CYS B 88 -52.46 0.60 -7.75
N ARG B 89 -52.78 0.13 -8.95
CA ARG B 89 -53.51 0.96 -9.90
C ARG B 89 -54.41 0.05 -10.70
N ASP B 90 -55.70 0.41 -10.74
CA ASP B 90 -56.73 -0.35 -11.46
C ASP B 90 -56.83 -1.77 -10.90
N ARG B 91 -56.88 -1.87 -9.57
CA ARG B 91 -57.08 -3.13 -8.86
C ARG B 91 -56.02 -4.19 -9.21
N LYS B 92 -54.82 -3.74 -9.53
CA LYS B 92 -53.71 -4.64 -9.84
C LYS B 92 -52.42 -4.08 -9.26
N TRP B 93 -51.50 -4.99 -8.91
CA TRP B 93 -50.18 -4.63 -8.43
C TRP B 93 -49.21 -4.55 -9.61
N ASN B 94 -48.71 -3.36 -9.88
CA ASN B 94 -47.70 -3.13 -10.92
C ASN B 94 -46.36 -2.93 -10.23
N CYS B 95 -45.47 -3.91 -10.36
CA CYS B 95 -44.20 -3.91 -9.65
C CYS B 95 -43.02 -3.62 -10.57
N THR B 96 -42.03 -2.91 -10.04
CA THR B 96 -40.77 -2.76 -10.74
C THR B 96 -39.99 -4.07 -10.70
N ASP B 97 -39.02 -4.20 -11.61
CA ASP B 97 -38.22 -5.40 -11.77
C ASP B 97 -36.72 -5.13 -11.63
N HIS B 98 -36.34 -4.31 -10.64
CA HIS B 98 -34.93 -3.97 -10.43
C HIS B 98 -34.15 -5.09 -9.76
N VAL B 99 -32.87 -5.18 -10.09
CA VAL B 99 -31.94 -6.08 -9.38
C VAL B 99 -31.57 -5.44 -8.04
N CYS B 100 -31.73 -6.19 -6.95
CA CYS B 100 -31.44 -5.69 -5.62
C CYS B 100 -30.05 -6.11 -5.16
N ASP B 101 -29.62 -5.52 -4.04
CA ASP B 101 -28.37 -5.91 -3.41
C ASP B 101 -28.43 -7.40 -3.09
N ALA B 102 -27.36 -8.12 -3.40
CA ALA B 102 -27.34 -9.56 -3.32
C ALA B 102 -26.14 -10.05 -2.51
N THR B 103 -26.20 -11.34 -2.14
CA THR B 103 -25.15 -11.98 -1.35
C THR B 103 -24.76 -13.29 -2.01
N CYS B 104 -23.48 -13.41 -2.35
CA CYS B 104 -22.91 -14.70 -2.68
C CYS B 104 -22.48 -15.38 -1.39
N SER B 105 -22.51 -16.71 -1.38
CA SER B 105 -22.24 -17.43 -0.15
C SER B 105 -21.73 -18.83 -0.47
N THR B 106 -20.69 -19.26 0.24
CA THR B 106 -20.29 -20.67 0.24
C THR B 106 -21.07 -21.39 1.33
N ILE B 107 -21.90 -22.33 0.94
CA ILE B 107 -22.69 -23.12 1.89
C ILE B 107 -22.00 -24.47 2.06
N GLY B 108 -21.55 -24.74 3.27
CA GLY B 108 -20.94 -26.03 3.53
C GLY B 108 -19.56 -26.17 2.91
N MET B 109 -19.18 -27.42 2.65
CA MET B 109 -17.82 -27.76 2.23
C MET B 109 -17.58 -27.43 0.76
N ALA B 110 -18.52 -27.80 -0.12
CA ALA B 110 -18.26 -27.69 -1.54
C ALA B 110 -19.48 -27.18 -2.33
N HIS B 111 -20.43 -26.51 -1.68
CA HIS B 111 -21.56 -25.93 -2.38
C HIS B 111 -21.45 -24.41 -2.40
N TYR B 112 -22.08 -23.81 -3.40
CA TYR B 112 -22.07 -22.37 -3.62
C TYR B 112 -23.49 -21.90 -3.90
N LEU B 113 -23.83 -20.70 -3.42
CA LEU B 113 -25.12 -20.07 -3.65
C LEU B 113 -24.84 -18.69 -4.25
N THR B 114 -25.08 -18.55 -5.55
CA THR B 114 -24.68 -17.37 -6.30
C THR B 114 -25.57 -16.18 -5.97
N PHE B 115 -25.17 -15.01 -6.50
CA PHE B 115 -25.94 -13.79 -6.28
C PHE B 115 -27.37 -13.92 -6.76
N ASP B 116 -27.60 -14.67 -7.83
CA ASP B 116 -28.92 -14.79 -8.40
C ASP B 116 -29.67 -16.01 -7.87
N GLY B 117 -29.11 -16.73 -6.90
CA GLY B 117 -29.81 -17.78 -6.22
C GLY B 117 -29.54 -19.19 -6.68
N LEU B 118 -28.60 -19.40 -7.59
CA LEU B 118 -28.30 -20.74 -8.07
C LEU B 118 -27.43 -21.47 -7.06
N LYS B 119 -27.84 -22.68 -6.67
CA LYS B 119 -27.07 -23.52 -5.76
C LYS B 119 -26.50 -24.70 -6.55
N TYR B 120 -25.19 -24.89 -6.46
CA TYR B 120 -24.56 -26.00 -7.16
C TYR B 120 -23.44 -26.58 -6.30
N LEU B 121 -23.04 -27.80 -6.65
CA LEU B 121 -21.94 -28.49 -5.99
C LEU B 121 -20.70 -28.42 -6.88
N PHE B 122 -19.57 -28.08 -6.28
CA PHE B 122 -18.28 -28.04 -6.98
C PHE B 122 -17.18 -28.32 -5.99
N PRO B 123 -16.76 -29.54 -5.89
CA PRO B 123 -15.73 -29.94 -4.92
C PRO B 123 -14.30 -29.74 -5.42
N GLY B 124 -14.00 -28.52 -5.84
CA GLY B 124 -12.64 -28.20 -6.26
C GLY B 124 -11.68 -28.15 -5.07
N GLU B 125 -10.46 -28.61 -5.31
CA GLU B 125 -9.43 -28.68 -4.26
C GLU B 125 -8.32 -27.66 -4.46
N CYS B 126 -8.51 -26.71 -5.37
CA CYS B 126 -7.52 -25.70 -5.67
C CYS B 126 -8.01 -24.31 -5.22
N GLN B 127 -7.40 -23.29 -5.78
CA GLN B 127 -7.86 -21.92 -5.58
C GLN B 127 -8.69 -21.48 -6.78
N TYR B 128 -9.82 -20.83 -6.51
CA TYR B 128 -10.76 -20.44 -7.55
C TYR B 128 -11.19 -18.99 -7.35
N VAL B 129 -11.70 -18.38 -8.40
CA VAL B 129 -12.21 -17.01 -8.34
C VAL B 129 -13.63 -17.06 -7.79
N LEU B 130 -13.80 -16.64 -6.52
CA LEU B 130 -15.14 -16.59 -5.95
C LEU B 130 -15.98 -15.52 -6.64
N VAL B 131 -15.54 -14.27 -6.54
CA VAL B 131 -16.20 -13.17 -7.23
C VAL B 131 -15.15 -12.11 -7.55
N GLN B 132 -15.26 -11.53 -8.73
CA GLN B 132 -14.35 -10.49 -9.19
C GLN B 132 -15.08 -9.66 -10.23
N ASP B 133 -14.61 -8.42 -10.43
CA ASP B 133 -15.17 -7.56 -11.47
C ASP B 133 -14.20 -7.36 -12.64
N TYR B 134 -13.16 -8.19 -12.75
CA TYR B 134 -12.29 -8.21 -13.92
C TYR B 134 -12.91 -9.16 -14.96
N CYS B 135 -13.94 -8.66 -15.66
CA CYS B 135 -14.70 -9.49 -16.60
C CYS B 135 -14.84 -8.76 -17.92
N GLY B 136 -14.15 -9.24 -18.95
CA GLY B 136 -14.25 -8.63 -20.28
C GLY B 136 -13.76 -7.20 -20.28
N SER B 137 -14.61 -6.28 -20.75
CA SER B 137 -14.32 -4.85 -20.62
C SER B 137 -14.47 -4.45 -19.15
N ASN B 138 -13.38 -4.45 -18.42
CA ASN B 138 -13.53 -4.42 -16.98
C ASN B 138 -13.06 -3.11 -16.37
N PRO B 139 -13.78 -2.58 -15.38
CA PRO B 139 -13.16 -1.56 -14.54
C PRO B 139 -12.03 -2.15 -13.72
N GLY B 140 -12.19 -3.38 -13.25
CA GLY B 140 -11.14 -4.09 -12.57
C GLY B 140 -10.79 -3.46 -11.23
N THR B 141 -11.70 -3.52 -10.26
CA THR B 141 -11.44 -2.93 -8.96
C THR B 141 -11.14 -3.96 -7.87
N PHE B 142 -11.78 -5.13 -7.93
CA PHE B 142 -11.66 -6.10 -6.83
C PHE B 142 -11.68 -7.52 -7.37
N ARG B 143 -11.10 -8.40 -6.58
CA ARG B 143 -10.94 -9.81 -6.89
C ARG B 143 -10.91 -10.57 -5.58
N ILE B 144 -11.80 -11.55 -5.43
CA ILE B 144 -11.87 -12.35 -4.20
C ILE B 144 -11.66 -13.80 -4.58
N LEU B 145 -10.63 -14.41 -4.02
CA LEU B 145 -10.26 -15.79 -4.29
C LEU B 145 -10.52 -16.66 -3.08
N VAL B 146 -10.85 -17.92 -3.34
CA VAL B 146 -11.10 -18.90 -2.28
C VAL B 146 -10.34 -20.17 -2.63
N GLY B 147 -9.60 -20.70 -1.66
CA GLY B 147 -8.85 -21.92 -1.85
C GLY B 147 -9.28 -22.99 -0.89
N ASN B 148 -9.62 -24.16 -1.41
CA ASN B 148 -10.20 -25.23 -0.60
C ASN B 148 -9.21 -26.39 -0.51
N LYS B 149 -8.93 -26.81 0.72
CA LYS B 149 -8.08 -27.98 0.96
C LYS B 149 -8.77 -28.88 1.96
N GLY B 150 -9.13 -30.08 1.53
CA GLY B 150 -9.84 -31.02 2.37
C GLY B 150 -11.35 -30.96 2.29
N CYS B 151 -11.91 -30.08 1.46
CA CYS B 151 -13.35 -29.97 1.33
C CYS B 151 -13.92 -30.86 0.22
N SER B 152 -13.18 -31.86 -0.24
CA SER B 152 -13.71 -32.75 -1.26
C SER B 152 -14.59 -33.83 -0.62
N HIS B 153 -14.61 -35.03 -1.19
CA HIS B 153 -15.39 -36.14 -0.66
C HIS B 153 -15.17 -36.38 0.84
N PRO B 154 -13.92 -36.48 1.36
CA PRO B 154 -13.77 -36.50 2.82
C PRO B 154 -13.68 -35.08 3.39
N SER B 155 -14.79 -34.61 3.94
CA SER B 155 -14.90 -33.24 4.45
C SER B 155 -14.77 -33.16 5.96
N VAL B 156 -14.48 -34.28 6.63
CA VAL B 156 -14.36 -34.29 8.08
C VAL B 156 -13.39 -33.21 8.54
N LYS B 157 -12.26 -33.08 7.86
CA LYS B 157 -11.26 -32.05 8.15
C LYS B 157 -11.07 -31.20 6.92
N CYS B 158 -11.62 -29.98 6.94
CA CYS B 158 -11.42 -29.08 5.82
C CYS B 158 -11.20 -27.65 6.34
N LYS B 159 -10.40 -26.90 5.59
CA LYS B 159 -10.09 -25.51 5.89
C LYS B 159 -10.08 -24.73 4.58
N LYS B 160 -10.57 -23.50 4.62
CA LYS B 160 -10.61 -22.65 3.45
C LYS B 160 -9.83 -21.38 3.70
N ARG B 161 -9.19 -20.89 2.65
CA ARG B 161 -8.40 -19.67 2.69
C ARG B 161 -8.97 -18.70 1.66
N VAL B 162 -9.46 -17.55 2.13
CA VAL B 162 -10.03 -16.52 1.26
C VAL B 162 -9.02 -15.40 1.10
N THR B 163 -8.82 -14.98 -0.15
CA THR B 163 -7.88 -13.92 -0.49
C THR B 163 -8.67 -12.77 -1.09
N ILE B 164 -8.58 -11.61 -0.47
CA ILE B 164 -9.31 -10.43 -0.92
C ILE B 164 -8.30 -9.44 -1.50
N LEU B 165 -8.44 -9.14 -2.79
CA LEU B 165 -7.53 -8.23 -3.50
C LEU B 165 -8.31 -7.01 -3.94
N VAL B 166 -8.02 -5.86 -3.32
CA VAL B 166 -8.73 -4.63 -3.67
C VAL B 166 -7.90 -3.42 -3.27
N GLU B 167 -7.83 -2.44 -4.18
CA GLU B 167 -7.09 -1.20 -3.95
C GLU B 167 -5.65 -1.49 -3.54
N GLY B 168 -5.00 -2.37 -4.30
CA GLY B 168 -3.60 -2.66 -4.07
C GLY B 168 -3.30 -3.44 -2.81
N GLY B 169 -4.32 -3.75 -2.02
CA GLY B 169 -4.14 -4.48 -0.79
C GLY B 169 -4.51 -5.95 -0.91
N GLU B 170 -4.04 -6.73 0.07
CA GLU B 170 -4.36 -8.14 0.15
C GLU B 170 -4.79 -8.44 1.59
N ILE B 171 -6.05 -8.82 1.76
CA ILE B 171 -6.60 -9.24 3.04
C ILE B 171 -6.88 -10.74 2.94
N GLU B 172 -6.35 -11.51 3.88
CA GLU B 172 -6.53 -12.95 3.87
C GLU B 172 -7.38 -13.40 5.05
N LEU B 173 -8.34 -14.28 4.79
CA LEU B 173 -9.19 -14.89 5.80
C LEU B 173 -8.78 -16.35 5.95
N PHE B 174 -8.18 -16.70 7.09
CA PHE B 174 -7.70 -18.06 7.29
C PHE B 174 -7.54 -18.34 8.77
N ASP B 175 -7.95 -19.54 9.20
CA ASP B 175 -7.78 -20.02 10.57
C ASP B 175 -8.47 -19.11 11.58
N GLY B 176 -9.70 -18.68 11.27
CA GLY B 176 -10.50 -17.91 12.19
C GLY B 176 -10.06 -16.48 12.42
N GLU B 177 -9.04 -16.01 11.72
CA GLU B 177 -8.53 -14.67 11.91
C GLU B 177 -8.40 -13.97 10.56
N VAL B 178 -8.34 -12.64 10.61
CA VAL B 178 -8.10 -11.81 9.42
C VAL B 178 -6.64 -11.38 9.45
N ASN B 179 -5.96 -11.57 8.32
CA ASN B 179 -4.57 -11.17 8.19
C ASN B 179 -4.49 -10.16 7.05
N VAL B 180 -4.25 -8.90 7.39
CA VAL B 180 -4.06 -7.86 6.39
C VAL B 180 -2.62 -7.95 5.92
N LYS B 181 -2.38 -8.75 4.88
CA LYS B 181 -1.02 -8.96 4.40
C LYS B 181 -0.43 -7.69 3.81
N ARG B 182 -1.25 -6.92 3.08
CA ARG B 182 -0.86 -5.64 2.53
C ARG B 182 -2.09 -4.74 2.65
N PRO B 183 -1.95 -3.58 3.27
CA PRO B 183 -3.12 -2.72 3.47
C PRO B 183 -3.58 -2.12 2.16
N MET B 184 -4.89 -1.84 2.09
CA MET B 184 -5.42 -1.08 0.96
C MET B 184 -4.76 0.30 0.90
N LYS B 185 -4.59 0.80 -0.33
CA LYS B 185 -4.01 2.15 -0.48
C LYS B 185 -4.88 3.22 0.17
N ASP B 186 -6.20 3.04 0.12
CA ASP B 186 -7.16 3.94 0.74
C ASP B 186 -8.00 3.13 1.71
N GLU B 187 -7.76 3.33 3.01
CA GLU B 187 -8.46 2.61 4.07
C GLU B 187 -9.69 3.35 4.57
N THR B 188 -10.09 4.44 3.91
CA THR B 188 -11.21 5.25 4.42
C THR B 188 -12.46 4.42 4.62
N HIS B 189 -12.78 3.54 3.69
CA HIS B 189 -13.98 2.71 3.81
C HIS B 189 -13.61 1.27 4.16
N PHE B 190 -12.44 1.04 4.72
CA PHE B 190 -12.01 -0.28 5.13
C PHE B 190 -12.18 -0.42 6.65
N GLU B 191 -12.90 -1.46 7.06
CA GLU B 191 -13.13 -1.76 8.47
C GLU B 191 -13.15 -3.26 8.66
N VAL B 192 -12.61 -3.73 9.78
CA VAL B 192 -12.69 -5.12 10.18
C VAL B 192 -13.46 -5.16 11.49
N VAL B 193 -14.72 -5.59 11.42
CA VAL B 193 -15.61 -5.59 12.57
C VAL B 193 -15.74 -7.02 13.11
N GLU B 194 -15.29 -7.25 14.33
CA GLU B 194 -15.54 -8.52 15.01
C GLU B 194 -16.78 -8.36 15.87
N SER B 195 -17.84 -9.10 15.53
CA SER B 195 -19.11 -9.05 16.24
C SER B 195 -19.70 -10.44 16.31
N GLY B 196 -19.94 -10.93 17.54
CA GLY B 196 -20.49 -12.26 17.71
C GLY B 196 -19.59 -13.31 17.08
N ARG B 197 -20.23 -14.31 16.46
CA ARG B 197 -19.47 -15.35 15.78
C ARG B 197 -18.76 -14.86 14.53
N TYR B 198 -19.07 -13.67 14.05
CA TYR B 198 -18.72 -13.27 12.69
C TYR B 198 -17.60 -12.25 12.66
N ILE B 199 -16.99 -12.14 11.49
CA ILE B 199 -16.12 -11.05 11.14
C ILE B 199 -16.72 -10.40 9.90
N ILE B 200 -17.00 -9.12 9.98
CA ILE B 200 -17.57 -8.33 8.88
C ILE B 200 -16.47 -7.42 8.36
N LEU B 201 -16.15 -7.54 7.07
CA LEU B 201 -15.15 -6.70 6.44
C LEU B 201 -15.85 -5.73 5.51
N LEU B 202 -15.56 -4.44 5.68
CA LEU B 202 -16.03 -3.38 4.78
C LEU B 202 -14.89 -3.06 3.82
N LEU B 203 -15.07 -3.38 2.55
CA LEU B 203 -14.01 -3.23 1.55
C LEU B 203 -14.34 -2.14 0.52
N GLY B 204 -15.00 -1.09 0.96
CA GLY B 204 -15.46 -0.03 0.08
C GLY B 204 -16.96 0.18 0.20
N LYS B 205 -17.43 1.15 -0.59
CA LYS B 205 -18.81 1.60 -0.47
C LYS B 205 -19.80 0.47 -0.70
N ALA B 206 -19.53 -0.38 -1.70
CA ALA B 206 -20.53 -1.32 -2.18
C ALA B 206 -20.08 -2.77 -2.10
N LEU B 207 -18.94 -3.04 -1.48
CA LEU B 207 -18.34 -4.37 -1.41
C LEU B 207 -18.05 -4.72 0.04
N SER B 208 -18.56 -5.87 0.49
CA SER B 208 -18.42 -6.30 1.86
C SER B 208 -18.26 -7.82 1.91
N VAL B 209 -17.66 -8.30 3.00
CA VAL B 209 -17.53 -9.74 3.23
C VAL B 209 -18.01 -10.04 4.64
N VAL B 210 -18.89 -11.01 4.76
CA VAL B 210 -19.38 -11.49 6.05
C VAL B 210 -18.96 -12.94 6.21
N TRP B 211 -18.28 -13.23 7.32
CA TRP B 211 -17.61 -14.51 7.49
C TRP B 211 -17.81 -15.02 8.91
N ASP B 212 -18.27 -16.28 9.04
CA ASP B 212 -18.52 -16.88 10.34
C ASP B 212 -17.26 -17.46 10.99
N ARG B 213 -16.07 -17.09 10.48
CA ARG B 213 -14.76 -17.46 10.97
C ARG B 213 -14.39 -18.91 10.65
N HIS B 214 -15.25 -19.68 9.97
CA HIS B 214 -14.84 -21.01 9.54
C HIS B 214 -15.06 -21.25 8.05
N LEU B 215 -16.28 -21.61 7.66
CA LEU B 215 -16.51 -22.02 6.28
C LEU B 215 -17.66 -21.31 5.60
N SER B 216 -18.42 -20.49 6.33
CA SER B 216 -19.50 -19.70 5.73
C SER B 216 -18.91 -18.36 5.32
N ILE B 217 -18.69 -18.19 4.02
CA ILE B 217 -18.08 -17.00 3.45
C ILE B 217 -19.12 -16.32 2.58
N SER B 218 -19.45 -15.09 2.90
CA SER B 218 -20.48 -14.34 2.18
C SER B 218 -19.88 -13.06 1.63
N VAL B 219 -20.21 -12.76 0.38
CA VAL B 219 -19.83 -11.51 -0.27
C VAL B 219 -21.10 -10.73 -0.55
N VAL B 220 -21.17 -9.50 -0.04
CA VAL B 220 -22.35 -8.66 -0.17
C VAL B 220 -22.04 -7.55 -1.17
N LEU B 221 -22.69 -7.57 -2.33
CA LEU B 221 -22.51 -6.56 -3.36
C LEU B 221 -23.74 -5.67 -3.44
N LYS B 222 -23.52 -4.38 -3.62
CA LYS B 222 -24.65 -3.52 -3.92
C LYS B 222 -25.00 -3.63 -5.41
N GLN B 223 -26.25 -3.31 -5.74
CA GLN B 223 -26.75 -3.56 -7.09
C GLN B 223 -26.00 -2.77 -8.17
N THR B 224 -25.13 -1.83 -7.80
CA THR B 224 -24.29 -1.16 -8.78
C THR B 224 -23.29 -2.10 -9.44
N TYR B 225 -23.02 -3.25 -8.84
CA TYR B 225 -22.14 -4.26 -9.42
C TYR B 225 -22.88 -5.23 -10.34
N GLN B 226 -24.17 -5.01 -10.61
CA GLN B 226 -24.92 -5.97 -11.40
C GLN B 226 -24.35 -6.05 -12.81
N GLU B 227 -24.28 -7.27 -13.34
CA GLU B 227 -23.72 -7.59 -14.65
C GLU B 227 -22.23 -7.23 -14.77
N LYS B 228 -21.59 -6.83 -13.68
CA LYS B 228 -20.18 -6.44 -13.72
C LYS B 228 -19.25 -7.44 -13.06
N VAL B 229 -19.77 -8.48 -12.42
CA VAL B 229 -18.95 -9.45 -11.72
C VAL B 229 -19.08 -10.81 -12.41
N CYS B 230 -18.16 -11.70 -12.05
CA CYS B 230 -18.07 -13.03 -12.62
C CYS B 230 -17.27 -13.90 -11.66
N GLY B 231 -17.21 -15.19 -11.97
CA GLY B 231 -16.58 -16.16 -11.10
C GLY B 231 -17.61 -17.15 -10.59
N LEU B 232 -17.25 -17.90 -9.55
CA LEU B 232 -18.14 -18.93 -9.03
C LEU B 232 -19.50 -18.38 -8.58
N CYS B 233 -19.59 -17.09 -8.30
CA CYS B 233 -20.81 -16.51 -7.77
C CYS B 233 -21.75 -15.97 -8.83
N GLY B 234 -21.46 -16.24 -10.11
CA GLY B 234 -22.35 -15.82 -11.16
C GLY B 234 -22.15 -14.38 -11.57
N ASN B 235 -23.00 -13.93 -12.48
CA ASN B 235 -22.82 -12.62 -13.07
C ASN B 235 -23.73 -11.57 -12.47
N PHE B 236 -24.57 -11.93 -11.49
CA PHE B 236 -25.33 -10.95 -10.71
C PHE B 236 -26.21 -10.08 -11.62
N ASP B 237 -27.15 -10.72 -12.30
CA ASP B 237 -28.04 -10.01 -13.22
C ASP B 237 -29.51 -10.33 -12.98
N GLY B 238 -29.84 -10.99 -11.87
CA GLY B 238 -31.20 -11.37 -11.59
C GLY B 238 -31.68 -12.63 -12.28
N ILE B 239 -30.85 -13.23 -13.13
CA ILE B 239 -31.19 -14.45 -13.86
C ILE B 239 -30.36 -15.59 -13.27
N GLN B 240 -31.06 -16.56 -12.66
CA GLN B 240 -30.38 -17.68 -12.02
C GLN B 240 -29.84 -18.69 -13.02
N ASN B 241 -30.57 -18.93 -14.11
CA ASN B 241 -30.25 -20.01 -15.02
C ASN B 241 -29.06 -19.72 -15.95
N ASN B 242 -28.37 -18.59 -15.79
CA ASN B 242 -27.18 -18.34 -16.60
C ASN B 242 -25.92 -18.20 -15.75
N ASP B 243 -26.00 -18.51 -14.45
CA ASP B 243 -24.85 -18.34 -13.59
C ASP B 243 -23.76 -19.37 -13.86
N LEU B 244 -24.12 -20.53 -14.42
CA LEU B 244 -23.11 -21.50 -14.81
C LEU B 244 -22.54 -21.18 -16.19
N THR B 245 -22.16 -19.92 -16.40
CA THR B 245 -21.46 -19.51 -17.61
C THR B 245 -19.98 -19.37 -17.28
N SER B 246 -19.15 -20.11 -18.02
CA SER B 246 -17.72 -20.22 -17.74
C SER B 246 -17.00 -18.91 -18.03
N SER B 247 -15.67 -18.91 -17.92
CA SER B 247 -14.88 -17.72 -18.17
C SER B 247 -14.78 -17.36 -19.65
N ASN B 248 -15.06 -18.31 -20.55
CA ASN B 248 -15.04 -18.04 -21.99
C ASN B 248 -16.43 -17.78 -22.55
N LEU B 249 -17.35 -17.26 -21.72
CA LEU B 249 -18.68 -16.83 -22.15
C LEU B 249 -19.51 -17.97 -22.74
N GLN B 250 -19.30 -19.18 -22.25
CA GLN B 250 -20.04 -20.36 -22.68
C GLN B 250 -20.85 -20.89 -21.51
N VAL B 251 -22.10 -21.28 -21.78
CA VAL B 251 -22.96 -21.82 -20.74
C VAL B 251 -22.63 -23.30 -20.55
N GLU B 252 -22.27 -23.67 -19.33
CA GLU B 252 -21.88 -25.04 -19.01
C GLU B 252 -22.97 -25.69 -18.17
N GLU B 253 -23.45 -26.85 -18.63
CA GLU B 253 -24.50 -27.53 -17.87
C GLU B 253 -23.93 -28.19 -16.62
N ASP B 254 -22.67 -28.61 -16.65
CA ASP B 254 -22.09 -29.25 -15.48
C ASP B 254 -21.36 -28.23 -14.62
N PRO B 255 -21.63 -28.17 -13.32
CA PRO B 255 -20.93 -27.19 -12.47
C PRO B 255 -19.43 -27.44 -12.38
N VAL B 256 -18.98 -28.68 -12.54
CA VAL B 256 -17.55 -28.97 -12.47
C VAL B 256 -16.83 -28.34 -13.65
N ASP B 257 -17.47 -28.30 -14.83
CA ASP B 257 -16.89 -27.59 -15.96
C ASP B 257 -16.82 -26.10 -15.70
N PHE B 258 -17.91 -25.51 -15.22
CA PHE B 258 -17.92 -24.09 -14.94
C PHE B 258 -16.95 -23.74 -13.83
N GLY B 259 -16.90 -24.55 -12.78
CA GLY B 259 -15.99 -24.26 -11.68
C GLY B 259 -14.54 -24.33 -12.11
N ASN B 260 -14.19 -25.34 -12.91
CA ASN B 260 -12.80 -25.44 -13.36
C ASN B 260 -12.41 -24.22 -14.17
N SER B 261 -13.35 -23.61 -14.90
CA SER B 261 -13.02 -22.46 -15.72
C SER B 261 -12.64 -21.23 -14.89
N TRP B 262 -12.89 -21.26 -13.57
CA TRP B 262 -12.45 -20.19 -12.69
C TRP B 262 -11.31 -20.62 -11.78
N LYS B 263 -10.62 -21.70 -12.15
CA LYS B 263 -9.42 -22.14 -11.43
C LYS B 263 -8.29 -21.15 -11.67
N VAL B 264 -7.64 -20.73 -10.59
CA VAL B 264 -6.64 -19.66 -10.64
C VAL B 264 -5.34 -20.16 -11.24
N SER B 265 -4.66 -21.07 -10.54
CA SER B 265 -3.34 -21.52 -10.94
C SER B 265 -3.46 -22.74 -11.84
N SER B 266 -2.79 -22.68 -12.98
CA SER B 266 -2.71 -23.83 -13.86
C SER B 266 -1.80 -24.92 -13.31
N GLN B 267 -1.20 -24.71 -12.13
CA GLN B 267 -0.36 -25.73 -11.51
C GLN B 267 -1.20 -26.95 -11.11
N CYS B 268 -2.25 -26.73 -10.34
CA CYS B 268 -3.10 -27.81 -9.89
C CYS B 268 -3.98 -28.32 -11.03
N ALA B 269 -4.57 -29.49 -10.81
CA ALA B 269 -5.33 -30.19 -11.84
C ALA B 269 -6.83 -29.91 -11.75
N ASP B 270 -7.49 -30.01 -12.90
CA ASP B 270 -8.92 -29.80 -12.95
C ASP B 270 -9.65 -30.86 -12.15
N THR B 271 -10.83 -30.50 -11.67
CA THR B 271 -11.68 -31.41 -10.93
C THR B 271 -12.38 -32.33 -11.91
N ARG B 272 -12.30 -33.63 -11.68
CA ARG B 272 -12.95 -34.59 -12.54
C ARG B 272 -14.41 -34.77 -12.12
N LYS B 273 -15.24 -35.14 -13.08
CA LYS B 273 -16.66 -35.28 -12.84
C LYS B 273 -16.97 -36.58 -12.12
N VAL B 274 -17.90 -36.53 -11.18
CA VAL B 274 -18.35 -37.70 -10.43
C VAL B 274 -19.87 -37.68 -10.36
N PRO B 275 -20.56 -38.80 -10.58
CA PRO B 275 -22.02 -38.81 -10.42
C PRO B 275 -22.42 -38.48 -8.98
N LEU B 276 -23.47 -37.67 -8.84
CA LEU B 276 -23.89 -37.19 -7.53
C LEU B 276 -24.33 -38.35 -6.64
N ASP B 277 -23.74 -38.45 -5.46
CA ASP B 277 -24.05 -39.51 -4.52
C ASP B 277 -25.23 -39.05 -3.66
N SER B 278 -26.37 -39.73 -3.80
CA SER B 278 -27.53 -39.46 -2.96
C SER B 278 -27.33 -39.94 -1.53
N SER B 279 -26.22 -40.62 -1.26
CA SER B 279 -25.90 -41.07 0.09
C SER B 279 -24.38 -41.02 0.23
N PRO B 280 -23.83 -39.85 0.53
CA PRO B 280 -22.37 -39.73 0.66
C PRO B 280 -21.83 -40.39 1.92
N ALA B 281 -20.58 -40.05 2.28
CA ALA B 281 -19.67 -40.86 3.09
C ALA B 281 -20.33 -41.89 4.02
N THR B 282 -20.81 -41.45 5.19
CA THR B 282 -21.32 -42.38 6.19
C THR B 282 -22.78 -42.75 5.98
N CYS B 283 -23.41 -42.23 4.93
CA CYS B 283 -24.77 -42.59 4.60
C CYS B 283 -24.83 -43.61 3.46
N HIS B 284 -23.70 -43.93 2.86
CA HIS B 284 -23.69 -44.83 1.71
C HIS B 284 -23.98 -46.25 2.17
N ASN B 285 -25.04 -46.85 1.62
CA ASN B 285 -25.48 -48.19 2.00
C ASN B 285 -25.75 -48.29 3.51
N ASN B 286 -26.19 -47.17 4.11
CA ASN B 286 -26.58 -47.11 5.52
C ASN B 286 -27.89 -46.32 5.58
N ILE B 287 -29.00 -47.02 5.36
CA ILE B 287 -30.29 -46.34 5.39
C ILE B 287 -30.64 -45.85 6.77
N MET B 288 -30.05 -46.45 7.82
CA MET B 288 -30.30 -45.99 9.17
C MET B 288 -29.81 -44.56 9.38
N LYS B 289 -28.57 -44.29 8.94
CA LYS B 289 -28.03 -42.95 9.13
C LYS B 289 -28.67 -41.92 8.21
N GLN B 290 -29.10 -42.35 7.01
CA GLN B 290 -29.79 -41.41 6.12
CA GLN B 290 -29.80 -41.44 6.11
C GLN B 290 -31.03 -40.85 6.78
N THR B 291 -31.79 -41.69 7.50
CA THR B 291 -32.99 -41.21 8.18
C THR B 291 -32.64 -40.26 9.32
N MET B 292 -31.59 -40.57 10.09
CA MET B 292 -31.20 -39.69 11.17
C MET B 292 -30.78 -38.32 10.63
N VAL B 293 -29.97 -38.31 9.57
CA VAL B 293 -29.52 -37.05 8.99
C VAL B 293 -30.70 -36.29 8.38
N ASP B 294 -31.57 -36.99 7.66
CA ASP B 294 -32.75 -36.33 7.10
C ASP B 294 -33.64 -35.74 8.18
N SER B 295 -33.84 -36.48 9.28
CA SER B 295 -34.71 -35.99 10.34
C SER B 295 -34.07 -34.84 11.10
N SER B 296 -32.74 -34.86 11.27
CA SER B 296 -32.05 -33.76 11.95
C SER B 296 -32.08 -32.50 11.11
N CYS B 297 -31.76 -32.63 9.83
CA CYS B 297 -31.71 -31.45 8.97
C CYS B 297 -33.10 -30.88 8.70
N ARG B 298 -34.16 -31.64 9.01
CA ARG B 298 -35.52 -31.17 8.76
C ARG B 298 -35.94 -30.07 9.74
N ILE B 299 -35.08 -29.70 10.69
CA ILE B 299 -35.37 -28.59 11.59
C ILE B 299 -35.55 -27.29 10.80
N LEU B 300 -34.94 -27.21 9.62
CA LEU B 300 -35.00 -26.00 8.81
C LEU B 300 -36.42 -25.64 8.36
N THR B 301 -37.36 -26.59 8.37
CA THR B 301 -38.75 -26.29 8.06
C THR B 301 -39.67 -26.55 9.25
N SER B 302 -39.13 -26.50 10.47
CA SER B 302 -39.89 -26.70 11.69
C SER B 302 -40.62 -25.43 12.10
N ASP B 303 -41.10 -25.39 13.35
CA ASP B 303 -41.91 -24.27 13.81
C ASP B 303 -41.12 -22.96 13.80
N VAL B 304 -39.94 -22.96 14.43
CA VAL B 304 -39.19 -21.71 14.58
C VAL B 304 -38.73 -21.14 13.24
N PHE B 305 -38.63 -21.97 12.21
CA PHE B 305 -38.22 -21.51 10.89
C PHE B 305 -39.39 -21.32 9.93
N GLN B 306 -40.62 -21.55 10.39
CA GLN B 306 -41.77 -21.51 9.49
C GLN B 306 -41.99 -20.10 8.93
N ASP B 307 -41.88 -19.07 9.78
CA ASP B 307 -42.02 -17.70 9.28
C ASP B 307 -40.93 -17.37 8.28
N CYS B 308 -39.70 -17.82 8.53
CA CYS B 308 -38.62 -17.53 7.61
C CYS B 308 -38.77 -18.29 6.30
N ASN B 309 -39.36 -19.48 6.34
CA ASN B 309 -39.46 -20.29 5.13
C ASN B 309 -40.19 -19.55 4.01
N LYS B 310 -41.13 -18.68 4.34
CA LYS B 310 -41.81 -17.88 3.31
C LYS B 310 -40.87 -16.84 2.70
N LEU B 311 -40.04 -16.21 3.52
CA LEU B 311 -39.14 -15.17 3.01
C LEU B 311 -37.90 -15.74 2.34
N VAL B 312 -37.29 -16.77 2.92
CA VAL B 312 -36.04 -17.35 2.42
C VAL B 312 -36.26 -18.84 2.17
N ASP B 313 -36.03 -19.27 0.94
CA ASP B 313 -36.22 -20.67 0.57
C ASP B 313 -35.20 -21.52 1.32
N PRO B 314 -35.62 -22.48 2.15
CA PRO B 314 -34.65 -23.32 2.86
C PRO B 314 -34.10 -24.48 2.05
N GLU B 315 -34.68 -24.77 0.88
CA GLU B 315 -34.30 -25.94 0.08
C GLU B 315 -32.80 -26.06 -0.16
N PRO B 316 -32.07 -25.01 -0.56
CA PRO B 316 -30.62 -25.20 -0.73
C PRO B 316 -29.89 -25.48 0.57
N TYR B 317 -30.26 -24.82 1.68
CA TYR B 317 -29.60 -25.10 2.94
C TYR B 317 -29.94 -26.51 3.43
N LEU B 318 -31.12 -27.00 3.11
CA LEU B 318 -31.47 -28.35 3.53
C LEU B 318 -30.70 -29.40 2.73
N ASP B 319 -30.56 -29.20 1.42
CA ASP B 319 -29.75 -30.12 0.62
C ASP B 319 -28.31 -30.17 1.12
N VAL B 320 -27.73 -29.01 1.42
CA VAL B 320 -26.34 -28.99 1.89
C VAL B 320 -26.24 -29.61 3.28
N CYS B 321 -27.19 -29.31 4.15
CA CYS B 321 -27.16 -29.93 5.48
C CYS B 321 -27.13 -31.44 5.37
N ILE B 322 -28.02 -32.02 4.54
CA ILE B 322 -28.07 -33.47 4.40
C ILE B 322 -26.78 -34.00 3.82
N TYR B 323 -26.26 -33.32 2.78
CA TYR B 323 -25.05 -33.81 2.13
C TYR B 323 -23.87 -33.75 3.07
N ASP B 324 -23.71 -32.65 3.81
CA ASP B 324 -22.54 -32.48 4.66
C ASP B 324 -22.64 -33.27 5.96
N THR B 325 -23.82 -33.28 6.59
CA THR B 325 -23.97 -34.05 7.83
C THR B 325 -23.74 -35.54 7.61
N CYS B 326 -23.92 -36.04 6.38
CA CYS B 326 -23.60 -37.44 6.09
C CYS B 326 -22.12 -37.75 6.18
N SER B 327 -21.25 -36.79 6.54
CA SER B 327 -19.85 -37.08 6.76
C SER B 327 -19.48 -37.14 8.23
N CYS B 328 -20.39 -36.74 9.12
CA CYS B 328 -20.13 -36.71 10.55
C CYS B 328 -20.48 -38.05 11.18
N GLU B 329 -19.70 -38.45 12.18
CA GLU B 329 -20.00 -39.69 12.88
C GLU B 329 -21.11 -39.49 13.91
N SER B 330 -21.26 -38.28 14.43
CA SER B 330 -22.31 -37.96 15.39
C SER B 330 -22.91 -36.60 15.03
N ILE B 331 -24.24 -36.54 14.97
CA ILE B 331 -24.90 -35.30 14.54
C ILE B 331 -24.94 -34.24 15.63
N GLY B 332 -24.85 -34.62 16.91
CA GLY B 332 -24.92 -33.62 17.97
C GLY B 332 -23.77 -32.62 17.91
N ASP B 333 -22.54 -33.13 17.84
CA ASP B 333 -21.35 -32.30 17.80
C ASP B 333 -20.85 -32.01 16.38
N CYS B 334 -21.62 -32.39 15.36
CA CYS B 334 -21.24 -32.19 13.97
C CYS B 334 -21.17 -30.70 13.64
N ALA B 335 -20.01 -30.24 13.15
CA ALA B 335 -19.85 -28.83 12.86
C ALA B 335 -20.60 -28.45 11.59
N ALA B 336 -20.51 -29.27 10.55
CA ALA B 336 -21.19 -28.95 9.30
C ALA B 336 -22.69 -28.86 9.50
N PHE B 337 -23.23 -29.58 10.49
CA PHE B 337 -24.66 -29.50 10.79
C PHE B 337 -25.00 -28.15 11.40
N CYS B 338 -24.32 -27.79 12.49
CA CYS B 338 -24.66 -26.56 13.19
C CYS B 338 -24.36 -25.34 12.33
N ASP B 339 -23.23 -25.33 11.62
CA ASP B 339 -22.86 -24.16 10.84
C ASP B 339 -23.86 -23.90 9.70
N THR B 340 -24.30 -24.96 9.02
CA THR B 340 -25.23 -24.75 7.91
C THR B 340 -26.57 -24.22 8.41
N ILE B 341 -27.06 -24.73 9.54
CA ILE B 341 -28.31 -24.25 10.10
C ILE B 341 -28.18 -22.79 10.53
N ALA B 342 -27.06 -22.46 11.17
CA ALA B 342 -26.83 -21.07 11.58
C ALA B 342 -26.71 -20.15 10.38
N ALA B 343 -26.17 -20.65 9.26
CA ALA B 343 -26.11 -19.84 8.05
C ALA B 343 -27.50 -19.53 7.53
N TYR B 344 -28.42 -20.48 7.68
CA TYR B 344 -29.80 -20.19 7.28
C TYR B 344 -30.43 -19.20 8.25
N ALA B 345 -30.30 -19.44 9.55
CA ALA B 345 -30.86 -18.50 10.52
C ALA B 345 -30.28 -17.11 10.33
N HIS B 346 -29.03 -17.01 9.85
CA HIS B 346 -28.42 -15.70 9.62
C HIS B 346 -29.13 -14.97 8.49
N VAL B 347 -29.43 -15.67 7.39
CA VAL B 347 -30.18 -15.03 6.31
C VAL B 347 -31.58 -14.67 6.76
N CYS B 348 -32.22 -15.55 7.53
CA CYS B 348 -33.55 -15.26 8.08
C CYS B 348 -33.56 -13.94 8.81
N ALA B 349 -32.60 -13.74 9.70
CA ALA B 349 -32.60 -12.55 10.52
C ALA B 349 -32.41 -11.29 9.68
N GLN B 350 -31.68 -11.38 8.56
CA GLN B 350 -31.55 -10.23 7.68
C GLN B 350 -32.87 -9.84 7.06
N HIS B 351 -33.80 -10.80 6.91
CA HIS B 351 -35.15 -10.52 6.42
C HIS B 351 -36.14 -10.28 7.56
N GLY B 352 -35.66 -9.90 8.74
CA GLY B 352 -36.54 -9.56 9.84
C GLY B 352 -37.10 -10.72 10.62
N LYS B 353 -36.73 -11.96 10.30
CA LYS B 353 -37.21 -13.14 11.00
C LYS B 353 -36.06 -13.76 11.79
N VAL B 354 -35.84 -13.27 12.99
CA VAL B 354 -34.79 -13.82 13.85
C VAL B 354 -35.28 -15.13 14.45
N VAL B 355 -34.47 -16.18 14.30
CA VAL B 355 -34.84 -17.54 14.69
C VAL B 355 -33.93 -17.98 15.82
N THR B 356 -34.50 -18.25 16.99
CA THR B 356 -33.75 -18.83 18.09
C THR B 356 -33.98 -20.33 18.04
N TRP B 357 -32.97 -21.09 17.64
CA TRP B 357 -33.10 -22.52 17.43
C TRP B 357 -32.13 -23.36 18.25
N ARG B 358 -31.01 -22.80 18.68
CA ARG B 358 -30.03 -23.57 19.44
C ARG B 358 -30.59 -23.93 20.81
N THR B 359 -30.19 -25.10 21.31
CA THR B 359 -30.54 -25.51 22.66
C THR B 359 -29.32 -26.18 23.30
N ALA B 360 -29.45 -26.48 24.60
CA ALA B 360 -28.35 -27.14 25.29
C ALA B 360 -28.07 -28.52 24.69
N THR B 361 -29.10 -29.16 24.12
CA THR B 361 -28.93 -30.47 23.51
C THR B 361 -28.45 -30.37 22.06
N LEU B 362 -28.99 -29.44 21.30
CA LEU B 362 -28.73 -29.32 19.87
C LEU B 362 -27.94 -28.04 19.62
N CYS B 363 -26.68 -28.18 19.20
CA CYS B 363 -25.81 -27.07 18.86
C CYS B 363 -25.79 -25.98 19.93
N PRO B 364 -25.32 -26.29 21.14
CA PRO B 364 -25.32 -25.29 22.20
C PRO B 364 -24.22 -24.26 22.01
N GLN B 365 -24.50 -23.04 22.42
CA GLN B 365 -23.49 -21.99 22.44
C GLN B 365 -23.76 -21.05 23.61
N SER B 366 -22.81 -20.94 24.52
CA SER B 366 -22.94 -20.05 25.67
C SER B 366 -21.69 -19.18 25.78
N CYS B 367 -21.86 -18.06 26.48
CA CYS B 367 -20.80 -17.09 26.69
C CYS B 367 -20.30 -17.09 28.13
N GLU B 368 -20.63 -18.13 28.89
CA GLU B 368 -20.24 -18.19 30.30
C GLU B 368 -18.73 -18.24 30.47
N GLU B 369 -17.99 -18.71 29.46
CA GLU B 369 -16.55 -18.88 29.61
C GLU B 369 -15.84 -17.54 29.73
N ARG B 370 -16.20 -16.57 28.89
CA ARG B 370 -15.50 -15.29 28.88
C ARG B 370 -16.27 -14.19 29.61
N ASN B 371 -17.00 -14.54 30.67
CA ASN B 371 -17.67 -13.56 31.51
C ASN B 371 -16.86 -13.46 32.80
N LEU B 372 -15.78 -12.68 32.73
CA LEU B 372 -14.79 -12.63 33.81
C LEU B 372 -15.06 -11.44 34.74
N ARG B 373 -16.13 -11.59 35.52
CA ARG B 373 -16.52 -10.53 36.44
C ARG B 373 -15.47 -10.32 37.52
N GLU B 374 -14.98 -11.41 38.12
CA GLU B 374 -14.09 -11.33 39.26
C GLU B 374 -12.61 -11.24 38.87
N ASN B 375 -12.30 -10.80 37.65
CA ASN B 375 -10.93 -10.72 37.17
C ASN B 375 -10.55 -9.33 36.68
N GLY B 376 -11.30 -8.30 37.07
CA GLY B 376 -11.02 -6.96 36.61
C GLY B 376 -11.61 -6.61 35.27
N TYR B 377 -12.33 -7.53 34.62
CA TYR B 377 -13.00 -7.29 33.35
C TYR B 377 -14.44 -6.89 33.63
N GLU B 378 -14.81 -5.66 33.27
CA GLU B 378 -16.15 -5.14 33.50
C GLU B 378 -16.93 -5.25 32.19
N ALA B 379 -17.48 -6.44 31.95
CA ALA B 379 -18.23 -6.69 30.72
C ALA B 379 -19.12 -7.90 30.92
N GLU B 380 -20.37 -7.78 30.51
CA GLU B 380 -21.33 -8.88 30.58
C GLU B 380 -21.57 -9.40 29.17
N TRP B 381 -21.27 -10.67 28.95
CA TRP B 381 -21.38 -11.30 27.65
C TRP B 381 -22.60 -12.22 27.63
N ARG B 382 -23.58 -11.89 26.79
CA ARG B 382 -24.80 -12.66 26.65
C ARG B 382 -24.97 -13.10 25.20
N TYR B 383 -25.31 -14.37 25.00
CA TYR B 383 -25.64 -14.87 23.67
C TYR B 383 -26.93 -14.23 23.17
N ASN B 384 -26.97 -13.93 21.87
CA ASN B 384 -28.17 -13.40 21.24
C ASN B 384 -28.28 -13.98 19.84
N SER B 385 -29.49 -14.43 19.49
CA SER B 385 -29.69 -15.02 18.17
C SER B 385 -29.39 -14.01 17.06
N CYS B 386 -29.66 -12.73 17.31
CA CYS B 386 -29.23 -11.70 16.37
C CYS B 386 -29.22 -10.36 17.08
N ALA B 387 -28.04 -9.86 17.40
CA ALA B 387 -27.78 -8.56 17.98
C ALA B 387 -27.10 -7.68 16.94
N PRO B 388 -27.30 -6.36 16.99
CA PRO B 388 -26.76 -5.46 15.96
C PRO B 388 -25.28 -5.72 15.67
N ALA B 389 -24.96 -5.78 14.38
CA ALA B 389 -23.67 -6.28 13.92
C ALA B 389 -22.55 -5.25 14.08
N CYS B 390 -22.83 -3.98 13.79
CA CYS B 390 -21.80 -2.95 13.79
C CYS B 390 -22.09 -2.00 14.96
N GLN B 391 -21.62 -2.36 16.14
CA GLN B 391 -21.81 -1.55 17.33
C GLN B 391 -20.64 -0.59 17.55
N VAL B 392 -20.91 0.50 18.27
CA VAL B 392 -19.90 1.49 18.56
C VAL B 392 -19.01 0.99 19.69
N THR B 393 -17.71 0.87 19.41
CA THR B 393 -16.72 0.45 20.38
C THR B 393 -15.57 1.42 20.33
N CYS B 394 -14.57 1.23 21.19
CA CYS B 394 -13.37 2.05 21.12
C CYS B 394 -12.67 1.89 19.78
N GLN B 395 -12.80 0.72 19.14
CA GLN B 395 -12.19 0.44 17.85
C GLN B 395 -13.06 0.84 16.67
N HIS B 396 -14.34 1.09 16.90
CA HIS B 396 -15.26 1.61 15.88
C HIS B 396 -16.12 2.67 16.55
N PRO B 397 -15.53 3.83 16.88
CA PRO B 397 -16.29 4.84 17.63
C PRO B 397 -17.37 5.51 16.82
N GLU B 398 -17.22 5.57 15.51
CA GLU B 398 -18.16 6.15 14.57
C GLU B 398 -19.17 5.09 14.12
N PRO B 399 -20.45 5.45 13.98
CA PRO B 399 -21.42 4.52 13.39
C PRO B 399 -21.00 4.13 11.97
N LEU B 400 -21.20 2.87 11.63
CA LEU B 400 -20.77 2.34 10.35
C LEU B 400 -21.96 1.95 9.50
N ALA B 401 -21.78 2.09 8.18
CA ALA B 401 -22.72 1.55 7.21
C ALA B 401 -22.41 0.06 7.04
N CYS B 402 -23.12 -0.77 7.80
CA CYS B 402 -22.95 -2.20 7.96
C CYS B 402 -23.70 -2.95 6.85
N PRO B 403 -23.11 -3.99 6.26
CA PRO B 403 -23.82 -4.74 5.22
C PRO B 403 -24.89 -5.68 5.76
N VAL B 404 -24.88 -5.99 7.06
CA VAL B 404 -25.91 -6.82 7.66
C VAL B 404 -26.48 -6.10 8.87
N GLN B 405 -27.77 -6.34 9.14
CA GLN B 405 -28.42 -5.68 10.26
C GLN B 405 -27.91 -6.21 11.58
N CYS B 406 -27.75 -7.53 11.69
CA CYS B 406 -27.34 -8.14 12.94
C CYS B 406 -26.64 -9.46 12.68
N VAL B 407 -25.96 -9.96 13.70
CA VAL B 407 -25.28 -11.24 13.65
C VAL B 407 -25.46 -11.97 14.96
N GLU B 408 -25.30 -13.29 14.90
CA GLU B 408 -25.45 -14.19 16.02
C GLU B 408 -24.11 -14.35 16.74
N GLY B 409 -24.17 -14.54 18.05
CA GLY B 409 -22.98 -14.84 18.82
C GLY B 409 -23.06 -14.24 20.21
N CYS B 410 -21.87 -14.04 20.79
CA CYS B 410 -21.74 -13.43 22.12
C CYS B 410 -21.51 -11.93 21.97
N HIS B 411 -22.35 -11.14 22.64
CA HIS B 411 -22.29 -9.68 22.56
C HIS B 411 -22.14 -9.09 23.96
N ALA B 412 -21.23 -8.13 24.08
CA ALA B 412 -20.97 -7.49 25.36
C ALA B 412 -22.06 -6.46 25.69
N HIS B 413 -22.47 -6.44 26.95
CA HIS B 413 -23.47 -5.50 27.43
C HIS B 413 -22.83 -4.61 28.48
N CYS B 414 -22.85 -3.30 28.24
CA CYS B 414 -22.17 -2.34 29.10
C CYS B 414 -23.16 -1.54 29.94
N PRO B 415 -22.74 -1.04 31.09
CA PRO B 415 -23.61 -0.17 31.89
C PRO B 415 -23.91 1.11 31.12
N PRO B 416 -25.00 1.80 31.47
CA PRO B 416 -25.37 3.03 30.75
C PRO B 416 -24.20 4.00 30.65
N GLY B 417 -23.97 4.50 29.45
CA GLY B 417 -22.92 5.48 29.23
C GLY B 417 -21.54 4.91 29.09
N LYS B 418 -21.42 3.61 28.84
CA LYS B 418 -20.12 2.96 28.69
C LYS B 418 -20.07 2.22 27.36
N ILE B 419 -18.87 2.15 26.81
CA ILE B 419 -18.63 1.57 25.49
C ILE B 419 -17.62 0.44 25.64
N LEU B 420 -17.80 -0.61 24.87
CA LEU B 420 -16.89 -1.75 24.89
C LEU B 420 -15.54 -1.37 24.31
N ASP B 421 -14.48 -1.77 25.00
CA ASP B 421 -13.10 -1.67 24.49
C ASP B 421 -12.70 -3.09 24.12
N GLU B 422 -12.69 -3.39 22.83
CA GLU B 422 -12.48 -4.77 22.37
C GLU B 422 -11.10 -5.29 22.75
N LEU B 423 -10.08 -4.41 22.74
CA LEU B 423 -8.72 -4.86 23.02
C LEU B 423 -8.52 -5.19 24.49
N LEU B 424 -9.25 -4.51 25.38
CA LEU B 424 -9.16 -4.75 26.81
C LEU B 424 -10.25 -5.68 27.32
N GLN B 425 -11.25 -6.00 26.49
CA GLN B 425 -12.35 -6.90 26.85
C GLN B 425 -13.12 -6.39 28.06
N THR B 426 -13.35 -5.08 28.12
CA THR B 426 -14.04 -4.49 29.26
C THR B 426 -14.76 -3.22 28.81
N CYS B 427 -15.81 -2.87 29.55
CA CYS B 427 -16.56 -1.66 29.27
C CYS B 427 -15.87 -0.47 29.91
N VAL B 428 -15.68 0.58 29.11
CA VAL B 428 -14.97 1.77 29.56
C VAL B 428 -15.79 2.99 29.14
N ASP B 429 -15.47 4.12 29.77
CA ASP B 429 -16.08 5.38 29.36
C ASP B 429 -15.59 5.75 27.97
N PRO B 430 -16.45 6.36 27.14
CA PRO B 430 -16.03 6.68 25.78
C PRO B 430 -14.85 7.65 25.73
N GLU B 431 -14.69 8.47 26.77
CA GLU B 431 -13.57 9.41 26.81
C GLU B 431 -12.23 8.70 26.99
N ASP B 432 -12.22 7.45 27.45
CA ASP B 432 -11.00 6.70 27.69
C ASP B 432 -10.56 5.88 26.49
N CYS B 433 -11.32 5.90 25.40
CA CYS B 433 -10.90 5.21 24.19
C CYS B 433 -9.76 5.97 23.53
N PRO B 434 -8.74 5.28 23.04
CA PRO B 434 -7.73 5.95 22.21
C PRO B 434 -8.34 6.33 20.87
N VAL B 435 -8.98 7.50 20.83
CA VAL B 435 -9.78 7.94 19.69
C VAL B 435 -9.46 9.40 19.41
N CYS B 436 -9.27 9.74 18.14
CA CYS B 436 -9.11 11.12 17.73
C CYS B 436 -10.44 11.66 17.21
N GLU B 437 -10.57 12.99 17.21
CA GLU B 437 -11.78 13.60 16.72
C GLU B 437 -11.45 14.83 15.90
N VAL B 438 -12.13 14.96 14.75
CA VAL B 438 -12.01 16.15 13.91
C VAL B 438 -13.31 16.27 13.11
N ALA B 439 -13.80 17.51 13.01
CA ALA B 439 -15.03 17.80 12.26
C ALA B 439 -16.19 16.92 12.73
N GLY B 440 -16.27 16.71 14.05
CA GLY B 440 -17.33 15.87 14.60
C GLY B 440 -17.21 14.40 14.29
N ARG B 441 -16.10 13.97 13.68
CA ARG B 441 -15.89 12.59 13.31
C ARG B 441 -14.83 11.98 14.22
N ARG B 442 -15.17 10.85 14.84
CA ARG B 442 -14.27 10.12 15.71
C ARG B 442 -13.62 8.96 14.96
N PHE B 443 -12.30 8.85 15.05
CA PHE B 443 -11.56 7.78 14.39
C PHE B 443 -10.72 7.04 15.42
N ALA B 444 -10.63 5.73 15.26
CA ALA B 444 -9.88 4.97 16.25
C ALA B 444 -8.38 5.13 16.04
N SER B 445 -7.62 4.82 17.08
CA SER B 445 -6.16 4.86 17.00
C SER B 445 -5.67 3.90 15.93
N GLY B 446 -4.77 4.38 15.07
CA GLY B 446 -4.25 3.58 13.98
C GLY B 446 -4.98 3.75 12.66
N LYS B 447 -6.13 4.41 12.66
CA LYS B 447 -6.90 4.60 11.44
C LYS B 447 -6.34 5.74 10.60
N LYS B 448 -6.35 5.56 9.29
CA LYS B 448 -5.97 6.59 8.32
C LYS B 448 -7.21 6.96 7.52
N VAL B 449 -7.64 8.21 7.66
CA VAL B 449 -8.85 8.70 7.02
C VAL B 449 -8.50 9.85 6.08
N THR B 450 -9.17 9.91 4.94
CA THR B 450 -9.03 11.04 4.02
C THR B 450 -10.27 11.92 4.16
N LEU B 451 -10.07 13.16 4.57
CA LEU B 451 -11.13 14.13 4.77
C LEU B 451 -11.27 15.02 3.54
N ASN B 452 -12.51 15.21 3.10
CA ASN B 452 -12.83 16.07 1.95
C ASN B 452 -12.03 15.64 0.71
N PRO B 453 -12.23 14.40 0.23
CA PRO B 453 -11.36 13.90 -0.85
C PRO B 453 -11.52 14.69 -2.13
N SER B 454 -12.73 15.12 -2.45
CA SER B 454 -13.02 15.78 -3.71
C SER B 454 -12.83 17.29 -3.67
N ASP B 455 -12.41 17.85 -2.54
CA ASP B 455 -12.22 19.29 -2.38
C ASP B 455 -10.72 19.60 -2.34
N PRO B 456 -10.15 20.14 -3.41
CA PRO B 456 -8.69 20.38 -3.42
C PRO B 456 -8.24 21.36 -2.35
N GLU B 457 -9.07 22.33 -1.98
CA GLU B 457 -8.67 23.32 -0.99
C GLU B 457 -8.74 22.81 0.45
N HIS B 458 -9.35 21.64 0.68
CA HIS B 458 -9.48 21.12 2.05
C HIS B 458 -9.19 19.63 2.16
N CYS B 459 -8.75 18.98 1.07
CA CYS B 459 -8.44 17.56 1.14
C CYS B 459 -7.30 17.33 2.13
N GLN B 460 -7.52 16.42 3.07
CA GLN B 460 -6.52 16.12 4.07
C GLN B 460 -6.43 14.62 4.30
N ILE B 461 -5.21 14.15 4.59
CA ILE B 461 -4.94 12.76 4.95
C ILE B 461 -4.52 12.75 6.41
N CYS B 462 -5.42 12.30 7.27
CA CYS B 462 -5.23 12.33 8.72
C CYS B 462 -4.94 10.94 9.27
N HIS B 463 -4.02 10.86 10.22
CA HIS B 463 -3.70 9.61 10.90
C HIS B 463 -3.89 9.82 12.39
N CYS B 464 -4.43 8.80 13.07
CA CYS B 464 -4.68 8.88 14.50
C CYS B 464 -3.71 7.95 15.23
N ASP B 465 -2.72 8.56 15.89
CA ASP B 465 -1.68 7.81 16.59
C ASP B 465 -2.21 7.15 17.85
N VAL B 466 -2.49 7.93 18.88
CA VAL B 466 -3.15 7.39 20.07
C VAL B 466 -4.37 8.25 20.36
N VAL B 467 -4.14 9.47 20.81
CA VAL B 467 -5.16 10.51 20.78
C VAL B 467 -4.72 11.70 19.94
N ASN B 468 -3.47 11.72 19.48
CA ASN B 468 -2.94 12.81 18.69
C ASN B 468 -3.27 12.54 17.22
N LEU B 469 -3.99 13.47 16.59
CA LEU B 469 -4.37 13.37 15.19
C LEU B 469 -3.48 14.32 14.40
N THR B 470 -2.87 13.82 13.34
CA THR B 470 -2.01 14.63 12.48
C THR B 470 -2.49 14.50 11.04
N CYS B 471 -2.73 15.64 10.40
CA CYS B 471 -3.25 15.69 9.05
C CYS B 471 -2.24 16.33 8.09
N GLU B 472 -2.27 15.87 6.85
CA GLU B 472 -1.43 16.38 5.77
C GLU B 472 -2.29 16.54 4.52
N ALA B 473 -1.99 17.54 3.72
CA ALA B 473 -2.73 17.77 2.48
C ALA B 473 -2.51 16.61 1.50
N CYS B 474 -3.48 16.44 0.62
CA CYS B 474 -3.45 15.40 -0.39
C CYS B 474 -2.49 15.76 -1.53
N GLN B 475 -2.17 14.77 -2.36
CA GLN B 475 -1.26 14.96 -3.49
C GLN B 475 -2.11 15.13 -4.74
N GLU B 476 -2.14 16.36 -5.26
CA GLU B 476 -2.90 16.69 -6.47
C GLU B 476 -2.26 17.87 -7.19
C1 NAG C . 38.79 9.23 -29.28
C2 NAG C . 39.15 10.26 -30.35
C3 NAG C . 37.93 10.57 -31.23
C4 NAG C . 37.36 9.27 -31.80
C5 NAG C . 37.07 8.28 -30.67
C6 NAG C . 36.60 6.93 -31.16
C7 NAG C . 40.96 11.74 -29.57
C8 NAG C . 41.30 13.05 -28.93
N2 NAG C . 39.66 11.49 -29.75
O3 NAG C . 38.31 11.45 -32.28
O4 NAG C . 36.16 9.54 -32.52
O5 NAG C . 38.27 8.04 -29.91
O6 NAG C . 36.17 6.12 -30.08
O7 NAG C . 41.83 10.93 -29.91
C1 NAG D . 38.16 4.65 12.17
C2 NAG D . 39.46 4.64 12.99
C3 NAG D . 40.64 4.23 12.13
C4 NAG D . 40.35 2.89 11.45
C5 NAG D . 39.05 2.98 10.66
C6 NAG D . 38.65 1.68 10.01
C7 NAG D . 39.20 6.33 14.76
C8 NAG D . 39.56 7.71 15.22
N2 NAG D . 39.70 5.95 13.58
O3 NAG D . 41.82 4.13 12.92
O4 NAG D . 41.43 2.54 10.58
O5 NAG D . 37.98 3.37 11.53
O6 NAG D . 37.33 1.75 9.50
O7 NAG D . 38.48 5.59 15.43
C1 NAG E . 7.47 -23.06 12.88
C2 NAG E . 7.31 -23.59 14.31
C3 NAG E . 6.52 -24.91 14.31
C4 NAG E . 5.20 -24.74 13.56
C5 NAG E . 5.45 -24.19 12.17
C6 NAG E . 4.17 -23.88 11.41
C7 NAG E . 9.13 -22.87 15.79
C8 NAG E . 10.48 -23.22 16.36
N2 NAG E . 8.60 -23.76 14.95
O3 NAG E . 6.28 -25.32 15.65
O4 NAG E . 4.52 -25.99 13.46
O5 NAG E . 6.17 -22.94 12.26
O6 NAG E . 4.41 -23.03 10.31
O7 NAG E . 8.56 -21.83 16.09
CA CA F . 21.30 19.20 -16.20
CA CA G . 24.78 -15.08 1.00
C1 PEG H . 2.67 -16.34 7.84
O1 PEG H . 3.95 -16.07 8.36
C2 PEG H . 1.75 -15.15 8.10
O2 PEG H . 2.09 -14.10 7.23
C3 PEG H . 1.94 -12.82 7.78
C4 PEG H . 2.08 -11.77 6.68
O4 PEG H . 1.83 -10.50 7.20
C1 NAG I . -47.17 -1.04 -15.34
C2 NAG I . -48.10 -1.67 -16.38
C3 NAG I . -47.41 -1.70 -17.74
C4 NAG I . -46.94 -0.31 -18.13
C5 NAG I . -46.07 0.29 -17.03
C6 NAG I . -45.68 1.72 -17.30
C7 NAG I . -49.67 -3.26 -15.35
C8 NAG I . -49.94 -4.70 -15.03
N2 NAG I . -48.51 -3.01 -15.98
O3 NAG I . -48.31 -2.22 -18.73
O4 NAG I . -46.21 -0.36 -19.35
O5 NAG I . -46.78 0.28 -15.78
O6 NAG I . -45.68 2.49 -16.10
O7 NAG I . -50.47 -2.37 -15.07
C1 NAG J . -31.42 -10.16 21.77
C2 NAG J . -32.39 -10.49 22.91
C3 NAG J . -33.76 -9.89 22.62
C4 NAG J . -33.63 -8.40 22.31
C5 NAG J . -32.61 -8.18 21.20
C6 NAG J . -32.36 -6.71 20.89
C7 NAG J . -32.02 -12.58 24.16
C8 NAG J . -32.24 -14.07 24.18
N2 NAG J . -32.51 -11.93 23.10
O3 NAG J . -34.61 -10.09 23.74
O4 NAG J . -34.89 -7.87 21.88
O5 NAG J . -31.35 -8.75 21.57
O6 NAG J . -31.38 -6.55 19.88
O7 NAG J . -31.43 -12.00 25.07
CA CA K . -27.08 -14.68 -13.57
C1 PEG L . -34.96 -37.08 -0.26
O1 PEG L . -34.05 -36.83 0.77
C2 PEG L . -35.03 -38.58 -0.55
O2 PEG L . -35.08 -39.29 0.65
C3 PEG L . -34.74 -40.65 0.52
C4 PEG L . -34.61 -41.27 1.90
O4 PEG L . -34.40 -42.64 1.76
#